data_2W89
# 
_entry.id   2W89 
# 
_audit_conform.dict_name       mmcif_pdbx.dic 
_audit_conform.dict_version    5.382 
_audit_conform.dict_location   http://mmcif.pdb.org/dictionaries/ascii/mmcif_pdbx.dic 
# 
loop_
_database_2.database_id 
_database_2.database_code 
_database_2.pdbx_database_accession 
_database_2.pdbx_DOI 
PDB   2W89         pdb_00002w89 10.2210/pdb2w89/pdb 
PDBE  EBI-37953    ?            ?                   
WWPDB D_1290037953 ?            ?                   
# 
_pdbx_database_status.status_code                     REL 
_pdbx_database_status.entry_id                        2W89 
_pdbx_database_status.deposit_site                    PDBE 
_pdbx_database_status.process_site                    PDBE 
_pdbx_database_status.SG_entry                        . 
_pdbx_database_status.recvd_initial_deposition_date   2009-01-15 
_pdbx_database_status.pdb_format_compatible           Y 
_pdbx_database_status.status_code_sf                  REL 
_pdbx_database_status.status_code_mr                  ? 
_pdbx_database_status.status_code_cs                  ? 
_pdbx_database_status.methods_development_category    ? 
_pdbx_database_status.status_code_nmr_data            ? 
# 
loop_
_audit_author.name 
_audit_author.pdbx_ordinal 
'Eichert, A.'   1 
'Schreiber, A.' 2 
'Fuerste, J.P.' 3 
'Perbandt, M.'  4 
'Betzel, C.'    5 
'Erdmann, V.A.' 6 
'Foerster, C.'  7 
# 
_citation.id                        primary 
_citation.title                     
'Crystal Structure of the E. Coli tRNA(Arg) Aminoacyl Stem Isoacceptor Rr-1660 at 2.0 A Resolution.' 
_citation.journal_abbrev            Biochem.Biophys.Res.Commun. 
_citation.journal_volume            385 
_citation.page_first                84 
_citation.page_last                 ? 
_citation.year                      2009 
_citation.journal_id_ASTM           BBRCA9 
_citation.country                   US 
_citation.journal_id_ISSN           0006-291X 
_citation.journal_id_CSD            0146 
_citation.book_publisher            ? 
_citation.pdbx_database_id_PubMed   19426710 
_citation.pdbx_database_id_DOI      10.1016/J.BBRC.2009.04.158 
# 
loop_
_citation_author.citation_id 
_citation_author.name 
_citation_author.ordinal 
_citation_author.identifier_ORCID 
primary 'Eichert, A.'   1 ? 
primary 'Perbandt, M.'  2 ? 
primary 'Oberthur, D.'  3 ? 
primary 'Schreiber, A.' 4 ? 
primary 'Furste, J.P.'  5 ? 
primary 'Betzel, C.'    6 ? 
primary 'Erdmann, V.A.' 7 ? 
primary 'Forster, C.'   8 ? 
# 
_cell.entry_id           2W89 
_cell.length_a           26.368 
_cell.length_b           28.984 
_cell.length_c           29.134 
_cell.angle_alpha        105.89 
_cell.angle_beta         98.76 
_cell.angle_gamma        97.85 
_cell.Z_PDB              2 
_cell.pdbx_unique_axis   ? 
# 
_symmetry.entry_id                         2W89 
_symmetry.space_group_name_H-M             'P 1' 
_symmetry.pdbx_full_space_group_name_H-M   ? 
_symmetry.cell_setting                     ? 
_symmetry.Int_Tables_number                1 
# 
loop_
_entity.id 
_entity.type 
_entity.src_method 
_entity.pdbx_description 
_entity.formula_weight 
_entity.pdbx_number_of_molecules 
_entity.pdbx_ec 
_entity.pdbx_mutation 
_entity.pdbx_fragment 
_entity.details 
1 polymer     syn "5'-R(*GP*CP*AP*UP*CP*CP*GP)-3'" 2196.371 2  ? ? 'AMINOACYL STEM, RESIDUES 901-907' ? 
2 polymer     syn "5'-R(*CP*GP*GP*AP*UP*GP*CP)-3'" 2236.395 2  ? ? 'AMINOACYL STEM, RESIDUES 966-972' ? 
3 non-polymer syn GLYCEROL                         92.094   1  ? ? ?                                  ? 
4 water       nat water                            18.015   88 ? ? ?                                  ? 
# 
loop_
_entity_name_com.entity_id 
_entity_name_com.name 
1 'TRNAARG RR-1660 ACCEPTOR STEM' 
2 'TRNAARG RR-1660 ACCEPTOR STEM' 
# 
loop_
_entity_poly.entity_id 
_entity_poly.type 
_entity_poly.nstd_linkage 
_entity_poly.nstd_monomer 
_entity_poly.pdbx_seq_one_letter_code 
_entity_poly.pdbx_seq_one_letter_code_can 
_entity_poly.pdbx_strand_id 
_entity_poly.pdbx_target_identifier 
1 polyribonucleotide no no GCAUCCG GCAUCCG A,C ? 
2 polyribonucleotide no no CGGAUGC CGGAUGC B,D ? 
# 
loop_
_entity_poly_seq.entity_id 
_entity_poly_seq.num 
_entity_poly_seq.mon_id 
_entity_poly_seq.hetero 
1 1 G n 
1 2 C n 
1 3 A n 
1 4 U n 
1 5 C n 
1 6 C n 
1 7 G n 
2 1 C n 
2 2 G n 
2 3 G n 
2 4 A n 
2 5 U n 
2 6 G n 
2 7 C n 
# 
loop_
_pdbx_entity_src_syn.entity_id 
_pdbx_entity_src_syn.pdbx_src_id 
_pdbx_entity_src_syn.pdbx_alt_source_flag 
_pdbx_entity_src_syn.pdbx_beg_seq_num 
_pdbx_entity_src_syn.pdbx_end_seq_num 
_pdbx_entity_src_syn.organism_scientific 
_pdbx_entity_src_syn.organism_common_name 
_pdbx_entity_src_syn.ncbi_taxonomy_id 
_pdbx_entity_src_syn.details 
1 1 sample ? ? 'ESCHERICHIA COLI' ? 562 ? 
2 1 sample ? ? 'ESCHERICHIA COLI' ? 562 ? 
# 
loop_
_struct_ref.id 
_struct_ref.db_name 
_struct_ref.db_code 
_struct_ref.entity_id 
_struct_ref.pdbx_seq_one_letter_code 
_struct_ref.pdbx_align_begin 
_struct_ref.pdbx_db_accession 
_struct_ref.pdbx_db_isoform 
1 PDB 2W89 1 ? ? 2W89 ? 
2 PDB 2W89 2 ? ? 2W89 ? 
# 
loop_
_struct_ref_seq.align_id 
_struct_ref_seq.ref_id 
_struct_ref_seq.pdbx_PDB_id_code 
_struct_ref_seq.pdbx_strand_id 
_struct_ref_seq.seq_align_beg 
_struct_ref_seq.pdbx_seq_align_beg_ins_code 
_struct_ref_seq.seq_align_end 
_struct_ref_seq.pdbx_seq_align_end_ins_code 
_struct_ref_seq.pdbx_db_accession 
_struct_ref_seq.db_align_beg 
_struct_ref_seq.pdbx_db_align_beg_ins_code 
_struct_ref_seq.db_align_end 
_struct_ref_seq.pdbx_db_align_end_ins_code 
_struct_ref_seq.pdbx_auth_seq_align_beg 
_struct_ref_seq.pdbx_auth_seq_align_end 
1 1 2W89 A 1 ? 7 ? 2W89 901 ? 907 ? 901 907 
2 2 2W89 B 1 ? 7 ? 2W89 966 ? 972 ? 966 972 
3 1 2W89 C 1 ? 7 ? 2W89 901 ? 907 ? 901 907 
4 2 2W89 D 1 ? 7 ? 2W89 966 ? 972 ? 966 972 
# 
loop_
_chem_comp.id 
_chem_comp.type 
_chem_comp.mon_nstd_flag 
_chem_comp.name 
_chem_comp.pdbx_synonyms 
_chem_comp.formula 
_chem_comp.formula_weight 
A   'RNA linking' y "ADENOSINE-5'-MONOPHOSPHATE" ?                               'C10 H14 N5 O7 P' 347.221 
C   'RNA linking' y "CYTIDINE-5'-MONOPHOSPHATE"  ?                               'C9 H14 N3 O8 P'  323.197 
G   'RNA linking' y "GUANOSINE-5'-MONOPHOSPHATE" ?                               'C10 H14 N5 O8 P' 363.221 
GOL non-polymer   . GLYCEROL                     'GLYCERIN; PROPANE-1,2,3-TRIOL' 'C3 H8 O3'        92.094  
HOH non-polymer   . WATER                        ?                               'H2 O'            18.015  
U   'RNA linking' y "URIDINE-5'-MONOPHOSPHATE"   ?                               'C9 H13 N2 O9 P'  324.181 
# 
_exptl.entry_id          2W89 
_exptl.method            'X-RAY DIFFRACTION' 
_exptl.crystals_number   1 
# 
_exptl_crystal.id                    1 
_exptl_crystal.density_meas          ? 
_exptl_crystal.density_Matthews      2.34 
_exptl_crystal.density_percent_sol   59.6 
_exptl_crystal.description           NONE 
# 
_exptl_crystal_grow.crystal_id      1 
_exptl_crystal_grow.method          ? 
_exptl_crystal_grow.temp            294 
_exptl_crystal_grow.temp_details    ? 
_exptl_crystal_grow.pH              5.6 
_exptl_crystal_grow.pdbx_pH_range   ? 
_exptl_crystal_grow.pdbx_details    
'10 MM MAGNESIUM CHLORIDE, 50 MM MES, PH 5.6, 2 M LITHIUM SULFATE, 294K, CRYOPROTECTANT 20 % (V/V) GLYCEROL' 
# 
_diffrn.id                     1 
_diffrn.ambient_temp           203 
_diffrn.ambient_temp_details   ? 
_diffrn.crystal_id             1 
# 
_diffrn_detector.diffrn_id              1 
_diffrn_detector.detector               CCD 
_diffrn_detector.type                   MARRESEARCH 
_diffrn_detector.pdbx_collection_date   2008-07-31 
_diffrn_detector.details                ? 
# 
_diffrn_radiation.diffrn_id                        1 
_diffrn_radiation.wavelength_id                    1 
_diffrn_radiation.pdbx_monochromatic_or_laue_m_l   M 
_diffrn_radiation.monochromator                    ? 
_diffrn_radiation.pdbx_diffrn_protocol             'SINGLE WAVELENGTH' 
_diffrn_radiation.pdbx_scattering_type             x-ray 
# 
_diffrn_radiation_wavelength.id           1 
_diffrn_radiation_wavelength.wavelength   1.000 
_diffrn_radiation_wavelength.wt           1.0 
# 
_diffrn_source.diffrn_id                   1 
_diffrn_source.source                      SYNCHROTRON 
_diffrn_source.type                        'ELETTRA BEAMLINE 5.2R' 
_diffrn_source.pdbx_synchrotron_site       ELETTRA 
_diffrn_source.pdbx_synchrotron_beamline   5.2R 
_diffrn_source.pdbx_wavelength             1.000 
_diffrn_source.pdbx_wavelength_list        ? 
# 
_reflns.pdbx_diffrn_id               1 
_reflns.pdbx_ordinal                 1 
_reflns.entry_id                     2W89 
_reflns.observed_criterion_sigma_I   1.5 
_reflns.observed_criterion_sigma_F   ? 
_reflns.d_resolution_low             40.00 
_reflns.d_resolution_high            1.70 
_reflns.number_obs                   7118 
_reflns.number_all                   ? 
_reflns.percent_possible_obs         95.0 
_reflns.pdbx_Rmerge_I_obs            0.04 
_reflns.pdbx_Rsym_value              ? 
_reflns.pdbx_netI_over_sigmaI        22.20 
_reflns.B_iso_Wilson_estimate        ? 
_reflns.pdbx_redundancy              1.8 
# 
_reflns_shell.pdbx_diffrn_id         1 
_reflns_shell.pdbx_ordinal           1 
_reflns_shell.d_res_high             1.70 
_reflns_shell.d_res_low              1.73 
_reflns_shell.percent_possible_all   93.2 
_reflns_shell.Rmerge_I_obs           0.16 
_reflns_shell.pdbx_Rsym_value        ? 
_reflns_shell.meanI_over_sigI_obs    1.90 
_reflns_shell.pdbx_redundancy        1.7 
# 
_refine.pdbx_refine_id                           'X-RAY DIFFRACTION' 
_refine.entry_id                                 2W89 
_refine.pdbx_diffrn_id                           1 
_refine.pdbx_TLS_residual_ADP_flag               ? 
_refine.ls_number_reflns_obs                     5058 
_refine.ls_number_reflns_all                     ? 
_refine.pdbx_ls_sigma_I                          ? 
_refine.pdbx_ls_sigma_F                          ? 
_refine.pdbx_data_cutoff_high_absF               ? 
_refine.pdbx_data_cutoff_low_absF                ? 
_refine.pdbx_data_cutoff_high_rms_absF           ? 
_refine.ls_d_res_low                             20.92 
_refine.ls_d_res_high                            2.00 
_refine.ls_percent_reflns_obs                    97.9 
_refine.ls_R_factor_obs                          0.214 
_refine.ls_R_factor_all                          ? 
_refine.ls_R_factor_R_work                       0.212 
_refine.ls_R_factor_R_free                       0.255 
_refine.ls_R_factor_R_free_error                 ? 
_refine.ls_R_factor_R_free_error_details         ? 
_refine.ls_percent_reflns_R_free                 5.000 
_refine.ls_number_reflns_R_free                  267 
_refine.ls_number_parameters                     ? 
_refine.ls_number_restraints                     ? 
_refine.occupancy_min                            ? 
_refine.occupancy_max                            ? 
_refine.correlation_coeff_Fo_to_Fc               0.953 
_refine.correlation_coeff_Fo_to_Fc_free          0.946 
_refine.B_iso_mean                               26.21 
_refine.aniso_B[1][1]                            0.00000 
_refine.aniso_B[2][2]                            0.00000 
_refine.aniso_B[3][3]                            0.00000 
_refine.aniso_B[1][2]                            0.00000 
_refine.aniso_B[1][3]                            0.00000 
_refine.aniso_B[2][3]                            0.00000 
_refine.solvent_model_details                    MASK 
_refine.solvent_model_param_ksol                 ? 
_refine.solvent_model_param_bsol                 ? 
_refine.pdbx_solvent_vdw_probe_radii             1.20 
_refine.pdbx_solvent_ion_probe_radii             0.80 
_refine.pdbx_solvent_shrinkage_radii             0.80 
_refine.pdbx_ls_cross_valid_method               THROUGHOUT 
_refine.details                                  'HYDROGENS HAVE BEEN ADDED IN THE RIDING POSITIONS.' 
_refine.pdbx_starting_model                      'PDB ENTRY 2VUQ' 
_refine.pdbx_method_to_determine_struct          'MOLECULAR REPLACEMENT' 
_refine.pdbx_isotropic_thermal_model             ? 
_refine.pdbx_stereochemistry_target_values       'MAXIMUM LIKELIHOOD' 
_refine.pdbx_stereochem_target_val_spec_case     ? 
_refine.pdbx_R_Free_selection_details            RANDOM 
_refine.pdbx_overall_ESU_R                       0.234 
_refine.pdbx_overall_ESU_R_Free                  0.192 
_refine.overall_SU_ML                            0.136 
_refine.pdbx_overall_phase_error                 ? 
_refine.overall_SU_B                             5.154 
_refine.overall_SU_R_Cruickshank_DPI             ? 
_refine.pdbx_overall_SU_R_free_Cruickshank_DPI   ? 
_refine.pdbx_overall_SU_R_Blow_DPI               ? 
_refine.pdbx_overall_SU_R_free_Blow_DPI          ? 
# 
_refine_hist.pdbx_refine_id                   'X-RAY DIFFRACTION' 
_refine_hist.cycle_id                         LAST 
_refine_hist.pdbx_number_atoms_protein        0 
_refine_hist.pdbx_number_atoms_nucleic_acid   586 
_refine_hist.pdbx_number_atoms_ligand         6 
_refine_hist.number_atoms_solvent             88 
_refine_hist.number_atoms_total               680 
_refine_hist.d_res_high                       2.00 
_refine_hist.d_res_low                        20.92 
# 
loop_
_refine_ls_restr.type 
_refine_ls_restr.dev_ideal 
_refine_ls_restr.dev_ideal_target 
_refine_ls_restr.weight 
_refine_ls_restr.number 
_refine_ls_restr.pdbx_refine_id 
_refine_ls_restr.pdbx_restraint_function 
r_bond_refined_d             0.019 0.021 ? 657  'X-RAY DIFFRACTION' ? 
r_bond_other_d               ?     ?     ? ?    'X-RAY DIFFRACTION' ? 
r_angle_refined_deg          2.567 3.000 ? 1015 'X-RAY DIFFRACTION' ? 
r_angle_other_deg            ?     ?     ? ?    'X-RAY DIFFRACTION' ? 
r_dihedral_angle_1_deg       ?     ?     ? ?    'X-RAY DIFFRACTION' ? 
r_dihedral_angle_2_deg       ?     ?     ? ?    'X-RAY DIFFRACTION' ? 
r_dihedral_angle_3_deg       ?     ?     ? ?    'X-RAY DIFFRACTION' ? 
r_dihedral_angle_4_deg       ?     ?     ? ?    'X-RAY DIFFRACTION' ? 
r_chiral_restr               0.090 0.200 ? 112  'X-RAY DIFFRACTION' ? 
r_gen_planes_refined         0.010 0.020 ? 290  'X-RAY DIFFRACTION' ? 
r_gen_planes_other           ?     ?     ? ?    'X-RAY DIFFRACTION' ? 
r_nbd_refined                0.169 0.200 ? 280  'X-RAY DIFFRACTION' ? 
r_nbd_other                  ?     ?     ? ?    'X-RAY DIFFRACTION' ? 
r_nbtor_refined              0.270 0.200 ? 427  'X-RAY DIFFRACTION' ? 
r_nbtor_other                ?     ?     ? ?    'X-RAY DIFFRACTION' ? 
r_xyhbond_nbd_refined        0.233 0.200 ? 58   'X-RAY DIFFRACTION' ? 
r_xyhbond_nbd_other          ?     ?     ? ?    'X-RAY DIFFRACTION' ? 
r_metal_ion_refined          ?     ?     ? ?    'X-RAY DIFFRACTION' ? 
r_metal_ion_other            ?     ?     ? ?    'X-RAY DIFFRACTION' ? 
r_symmetry_vdw_refined       0.172 0.200 ? 43   'X-RAY DIFFRACTION' ? 
r_symmetry_vdw_other         ?     ?     ? ?    'X-RAY DIFFRACTION' ? 
r_symmetry_hbond_refined     0.174 0.200 ? 8    'X-RAY DIFFRACTION' ? 
r_symmetry_hbond_other       ?     ?     ? ?    'X-RAY DIFFRACTION' ? 
r_symmetry_metal_ion_refined ?     ?     ? ?    'X-RAY DIFFRACTION' ? 
r_symmetry_metal_ion_other   ?     ?     ? ?    'X-RAY DIFFRACTION' ? 
r_mcbond_it                  ?     ?     ? ?    'X-RAY DIFFRACTION' ? 
r_mcbond_other               ?     ?     ? ?    'X-RAY DIFFRACTION' ? 
r_mcangle_it                 ?     ?     ? ?    'X-RAY DIFFRACTION' ? 
r_mcangle_other              ?     ?     ? ?    'X-RAY DIFFRACTION' ? 
r_scbond_it                  2.282 3.000 ? 941  'X-RAY DIFFRACTION' ? 
r_scbond_other               ?     ?     ? ?    'X-RAY DIFFRACTION' ? 
r_scangle_it                 2.864 4.500 ? 1015 'X-RAY DIFFRACTION' ? 
r_scangle_other              ?     ?     ? ?    'X-RAY DIFFRACTION' ? 
r_long_range_B_refined       ?     ?     ? ?    'X-RAY DIFFRACTION' ? 
r_long_range_B_other         ?     ?     ? ?    'X-RAY DIFFRACTION' ? 
r_rigid_bond_restr           ?     ?     ? ?    'X-RAY DIFFRACTION' ? 
r_sphericity_free            ?     ?     ? ?    'X-RAY DIFFRACTION' ? 
r_sphericity_bonded          ?     ?     ? ?    'X-RAY DIFFRACTION' ? 
# 
_refine_ls_shell.pdbx_refine_id                   'X-RAY DIFFRACTION' 
_refine_ls_shell.pdbx_total_number_of_bins_used   20 
_refine_ls_shell.d_res_high                       2.00 
_refine_ls_shell.d_res_low                        2.05 
_refine_ls_shell.number_reflns_R_work             381 
_refine_ls_shell.R_factor_R_work                  0.2780 
_refine_ls_shell.percent_reflns_obs               ? 
_refine_ls_shell.R_factor_R_free                  0.2190 
_refine_ls_shell.R_factor_R_free_error            ? 
_refine_ls_shell.percent_reflns_R_free            ? 
_refine_ls_shell.number_reflns_R_free             18 
_refine_ls_shell.number_reflns_all                ? 
_refine_ls_shell.R_factor_all                     ? 
# 
_struct.entry_id                  2W89 
_struct.title                     
'Crystal structure of the E.coli tRNAArg aminoacyl stem issoacceptor RR-1660 at 2.0 Angstroem resolution' 
_struct.pdbx_model_details        ? 
_struct.pdbx_CASP_flag            ? 
_struct.pdbx_model_type_details   ? 
# 
_struct_keywords.entry_id        2W89 
_struct_keywords.pdbx_keywords   RNA 
_struct_keywords.text            'TRNA ACCEPTOR STEM, RNA, TRNAARG, HYDRATION, TRNA IDENTITY' 
# 
loop_
_struct_asym.id 
_struct_asym.pdbx_blank_PDB_chainid_flag 
_struct_asym.pdbx_modified 
_struct_asym.entity_id 
_struct_asym.details 
A N N 1 ? 
B N N 2 ? 
C N N 1 ? 
D N N 2 ? 
E N N 3 ? 
F N N 4 ? 
G N N 4 ? 
H N N 4 ? 
I N N 4 ? 
# 
_struct_biol.id   1 
# 
loop_
_struct_conn.id 
_struct_conn.conn_type_id 
_struct_conn.pdbx_leaving_atom_flag 
_struct_conn.pdbx_PDB_id 
_struct_conn.ptnr1_label_asym_id 
_struct_conn.ptnr1_label_comp_id 
_struct_conn.ptnr1_label_seq_id 
_struct_conn.ptnr1_label_atom_id 
_struct_conn.pdbx_ptnr1_label_alt_id 
_struct_conn.pdbx_ptnr1_PDB_ins_code 
_struct_conn.pdbx_ptnr1_standard_comp_id 
_struct_conn.ptnr1_symmetry 
_struct_conn.ptnr2_label_asym_id 
_struct_conn.ptnr2_label_comp_id 
_struct_conn.ptnr2_label_seq_id 
_struct_conn.ptnr2_label_atom_id 
_struct_conn.pdbx_ptnr2_label_alt_id 
_struct_conn.pdbx_ptnr2_PDB_ins_code 
_struct_conn.ptnr1_auth_asym_id 
_struct_conn.ptnr1_auth_comp_id 
_struct_conn.ptnr1_auth_seq_id 
_struct_conn.ptnr2_auth_asym_id 
_struct_conn.ptnr2_auth_comp_id 
_struct_conn.ptnr2_auth_seq_id 
_struct_conn.ptnr2_symmetry 
_struct_conn.pdbx_ptnr3_label_atom_id 
_struct_conn.pdbx_ptnr3_label_seq_id 
_struct_conn.pdbx_ptnr3_label_comp_id 
_struct_conn.pdbx_ptnr3_label_asym_id 
_struct_conn.pdbx_ptnr3_label_alt_id 
_struct_conn.pdbx_ptnr3_PDB_ins_code 
_struct_conn.details 
_struct_conn.pdbx_dist_value 
_struct_conn.pdbx_value_order 
_struct_conn.pdbx_role 
hydrog1  hydrog ? ? A G 1 N1 ? ? ? 1_555 B C 7 N3 ? ? A G 901 B C 972 1_555 ? ? ? ? ? ? WATSON-CRICK ? ? ? 
hydrog2  hydrog ? ? A G 1 N2 ? ? ? 1_555 B C 7 O2 ? ? A G 901 B C 972 1_555 ? ? ? ? ? ? WATSON-CRICK ? ? ? 
hydrog3  hydrog ? ? A G 1 O6 ? ? ? 1_555 B C 7 N4 ? ? A G 901 B C 972 1_555 ? ? ? ? ? ? WATSON-CRICK ? ? ? 
hydrog4  hydrog ? ? A C 2 N3 ? ? ? 1_555 B G 6 N1 ? ? A C 902 B G 971 1_555 ? ? ? ? ? ? WATSON-CRICK ? ? ? 
hydrog5  hydrog ? ? A C 2 N4 ? ? ? 1_555 B G 6 O6 ? ? A C 902 B G 971 1_555 ? ? ? ? ? ? WATSON-CRICK ? ? ? 
hydrog6  hydrog ? ? A C 2 O2 ? ? ? 1_555 B G 6 N2 ? ? A C 902 B G 971 1_555 ? ? ? ? ? ? WATSON-CRICK ? ? ? 
hydrog7  hydrog ? ? A A 3 N1 ? ? ? 1_555 B U 5 N3 ? ? A A 903 B U 970 1_555 ? ? ? ? ? ? WATSON-CRICK ? ? ? 
hydrog8  hydrog ? ? A A 3 N6 ? ? ? 1_555 B U 5 O4 ? ? A A 903 B U 970 1_555 ? ? ? ? ? ? WATSON-CRICK ? ? ? 
hydrog9  hydrog ? ? A U 4 N3 ? ? ? 1_555 B A 4 N1 ? ? A U 904 B A 969 1_555 ? ? ? ? ? ? WATSON-CRICK ? ? ? 
hydrog10 hydrog ? ? A U 4 O4 ? ? ? 1_555 B A 4 N6 ? ? A U 904 B A 969 1_555 ? ? ? ? ? ? WATSON-CRICK ? ? ? 
hydrog11 hydrog ? ? A C 5 N3 ? ? ? 1_555 B G 3 N1 ? ? A C 905 B G 968 1_555 ? ? ? ? ? ? WATSON-CRICK ? ? ? 
hydrog12 hydrog ? ? A C 5 N4 ? ? ? 1_555 B G 3 O6 ? ? A C 905 B G 968 1_555 ? ? ? ? ? ? WATSON-CRICK ? ? ? 
hydrog13 hydrog ? ? A C 5 O2 ? ? ? 1_555 B G 3 N2 ? ? A C 905 B G 968 1_555 ? ? ? ? ? ? WATSON-CRICK ? ? ? 
hydrog14 hydrog ? ? A C 6 N3 ? ? ? 1_555 B G 2 N1 ? ? A C 906 B G 967 1_555 ? ? ? ? ? ? WATSON-CRICK ? ? ? 
hydrog15 hydrog ? ? A C 6 N4 ? ? ? 1_555 B G 2 O6 ? ? A C 906 B G 967 1_555 ? ? ? ? ? ? WATSON-CRICK ? ? ? 
hydrog16 hydrog ? ? A C 6 O2 ? ? ? 1_555 B G 2 N2 ? ? A C 906 B G 967 1_555 ? ? ? ? ? ? WATSON-CRICK ? ? ? 
hydrog17 hydrog ? ? A G 7 N1 ? ? ? 1_555 B C 1 N3 ? ? A G 907 B C 966 1_555 ? ? ? ? ? ? WATSON-CRICK ? ? ? 
hydrog18 hydrog ? ? A G 7 N2 ? ? ? 1_555 B C 1 O2 ? ? A G 907 B C 966 1_555 ? ? ? ? ? ? WATSON-CRICK ? ? ? 
hydrog19 hydrog ? ? A G 7 O6 ? ? ? 1_555 B C 1 N4 ? ? A G 907 B C 966 1_555 ? ? ? ? ? ? WATSON-CRICK ? ? ? 
hydrog20 hydrog ? ? C G 1 N1 ? ? ? 1_555 D C 7 N3 ? ? C G 901 D C 972 1_555 ? ? ? ? ? ? WATSON-CRICK ? ? ? 
hydrog21 hydrog ? ? C G 1 N2 ? ? ? 1_555 D C 7 O2 ? ? C G 901 D C 972 1_555 ? ? ? ? ? ? WATSON-CRICK ? ? ? 
hydrog22 hydrog ? ? C G 1 O6 ? ? ? 1_555 D C 7 N4 ? ? C G 901 D C 972 1_555 ? ? ? ? ? ? WATSON-CRICK ? ? ? 
hydrog23 hydrog ? ? C C 2 N3 ? ? ? 1_555 D G 6 N1 ? ? C C 902 D G 971 1_555 ? ? ? ? ? ? WATSON-CRICK ? ? ? 
hydrog24 hydrog ? ? C C 2 N4 ? ? ? 1_555 D G 6 O6 ? ? C C 902 D G 971 1_555 ? ? ? ? ? ? WATSON-CRICK ? ? ? 
hydrog25 hydrog ? ? C C 2 O2 ? ? ? 1_555 D G 6 N2 ? ? C C 902 D G 971 1_555 ? ? ? ? ? ? WATSON-CRICK ? ? ? 
hydrog26 hydrog ? ? C A 3 N1 ? ? ? 1_555 D U 5 N3 ? ? C A 903 D U 970 1_555 ? ? ? ? ? ? WATSON-CRICK ? ? ? 
hydrog27 hydrog ? ? C A 3 N6 ? ? ? 1_555 D U 5 O4 ? ? C A 903 D U 970 1_555 ? ? ? ? ? ? WATSON-CRICK ? ? ? 
hydrog28 hydrog ? ? C U 4 N3 ? ? ? 1_555 D A 4 N1 ? ? C U 904 D A 969 1_555 ? ? ? ? ? ? WATSON-CRICK ? ? ? 
hydrog29 hydrog ? ? C U 4 O4 ? ? ? 1_555 D A 4 N6 ? ? C U 904 D A 969 1_555 ? ? ? ? ? ? WATSON-CRICK ? ? ? 
hydrog30 hydrog ? ? C C 5 N3 ? ? ? 1_555 D G 3 N1 ? ? C C 905 D G 968 1_555 ? ? ? ? ? ? WATSON-CRICK ? ? ? 
hydrog31 hydrog ? ? C C 5 N4 ? ? ? 1_555 D G 3 O6 ? ? C C 905 D G 968 1_555 ? ? ? ? ? ? WATSON-CRICK ? ? ? 
hydrog32 hydrog ? ? C C 5 O2 ? ? ? 1_555 D G 3 N2 ? ? C C 905 D G 968 1_555 ? ? ? ? ? ? WATSON-CRICK ? ? ? 
hydrog33 hydrog ? ? C C 6 N3 ? ? ? 1_555 D G 2 N1 ? ? C C 906 D G 967 1_555 ? ? ? ? ? ? WATSON-CRICK ? ? ? 
hydrog34 hydrog ? ? C C 6 N4 ? ? ? 1_555 D G 2 O6 ? ? C C 906 D G 967 1_555 ? ? ? ? ? ? WATSON-CRICK ? ? ? 
hydrog35 hydrog ? ? C C 6 O2 ? ? ? 1_555 D G 2 N2 ? ? C C 906 D G 967 1_555 ? ? ? ? ? ? WATSON-CRICK ? ? ? 
hydrog36 hydrog ? ? C G 7 N1 ? ? ? 1_555 D C 1 N3 ? ? C G 907 D C 966 1_555 ? ? ? ? ? ? WATSON-CRICK ? ? ? 
hydrog37 hydrog ? ? C G 7 N2 ? ? ? 1_555 D C 1 O2 ? ? C G 907 D C 966 1_555 ? ? ? ? ? ? WATSON-CRICK ? ? ? 
hydrog38 hydrog ? ? C G 7 O6 ? ? ? 1_555 D C 1 N4 ? ? C G 907 D C 966 1_555 ? ? ? ? ? ? WATSON-CRICK ? ? ? 
# 
_struct_conn_type.id          hydrog 
_struct_conn_type.criteria    ? 
_struct_conn_type.reference   ? 
# 
_struct_site.id                   AC1 
_struct_site.pdbx_evidence_code   Software 
_struct_site.pdbx_auth_asym_id    B 
_struct_site.pdbx_auth_comp_id    GOL 
_struct_site.pdbx_auth_seq_id     1973 
_struct_site.pdbx_auth_ins_code   ? 
_struct_site.pdbx_num_residues    6 
_struct_site.details              'BINDING SITE FOR RESIDUE GOL B 1973' 
# 
loop_
_struct_site_gen.id 
_struct_site_gen.site_id 
_struct_site_gen.pdbx_num_res 
_struct_site_gen.label_comp_id 
_struct_site_gen.label_asym_id 
_struct_site_gen.label_seq_id 
_struct_site_gen.pdbx_auth_ins_code 
_struct_site_gen.auth_comp_id 
_struct_site_gen.auth_asym_id 
_struct_site_gen.auth_seq_id 
_struct_site_gen.label_atom_id 
_struct_site_gen.label_alt_id 
_struct_site_gen.symmetry 
_struct_site_gen.details 
1 AC1 6 A   B 4 ? A   B 969  . ? 1_555 ? 
2 AC1 6 U   B 5 ? U   B 970  . ? 1_555 ? 
3 AC1 6 HOH G . ? HOH B 2023 . ? 1_555 ? 
4 AC1 6 A   C 3 ? A   C 903  . ? 1_555 ? 
5 AC1 6 G   D 6 ? G   D 971  . ? 1_555 ? 
6 AC1 6 C   D 7 ? C   D 972  . ? 1_555 ? 
# 
_atom_sites.entry_id                    2W89 
_atom_sites.fract_transf_matrix[1][1]   -0.03399003 
_atom_sites.fract_transf_matrix[1][2]   0.00538739 
_atom_sites.fract_transf_matrix[1][3]   -0.01848782 
_atom_sites.fract_transf_matrix[2][1]   -0.01708401 
_atom_sites.fract_transf_matrix[2][2]   0.02222194 
_atom_sites.fract_transf_matrix[2][3]   0.02341089 
_atom_sites.fract_transf_matrix[3][1]   0.00381300 
_atom_sites.fract_transf_matrix[3][2]   0.03402163 
_atom_sites.fract_transf_matrix[3][3]   -0.01241724 
_atom_sites.fract_transf_vector[1]      0.157884 
_atom_sites.fract_transf_vector[2]      -0.375225 
_atom_sites.fract_transf_vector[3]      -0.421047 
# 
loop_
_atom_type.symbol 
C 
N 
O 
P 
# 
loop_
_atom_site.group_PDB 
_atom_site.id 
_atom_site.type_symbol 
_atom_site.label_atom_id 
_atom_site.label_alt_id 
_atom_site.label_comp_id 
_atom_site.label_asym_id 
_atom_site.label_entity_id 
_atom_site.label_seq_id 
_atom_site.pdbx_PDB_ins_code 
_atom_site.Cartn_x 
_atom_site.Cartn_y 
_atom_site.Cartn_z 
_atom_site.occupancy 
_atom_site.B_iso_or_equiv 
_atom_site.pdbx_formal_charge 
_atom_site.auth_seq_id 
_atom_site.auth_comp_id 
_atom_site.auth_asym_id 
_atom_site.auth_atom_id 
_atom_site.pdbx_PDB_model_num 
ATOM   1   O "O5'" . G   A 1 1 ? 12.370  11.603  -9.605  1.00 29.03 ? 901  G   A "O5'" 1 
ATOM   2   C "C5'" . G   A 1 1 ? 13.579  12.422  -9.625  1.00 27.34 ? 901  G   A "C5'" 1 
ATOM   3   C "C4'" . G   A 1 1 ? 13.792  13.048  -8.262  1.00 22.06 ? 901  G   A "C4'" 1 
ATOM   4   O "O4'" . G   A 1 1 ? 12.617  13.815  -7.935  1.00 24.71 ? 901  G   A "O4'" 1 
ATOM   5   C "C3'" . G   A 1 1 ? 13.864  12.048  -7.108  1.00 26.74 ? 901  G   A "C3'" 1 
ATOM   6   O "O3'" . G   A 1 1 ? 15.204  11.450  -6.988  1.00 28.44 ? 901  G   A "O3'" 1 
ATOM   7   C "C2'" . G   A 1 1 ? 13.507  12.965  -5.947  1.00 24.44 ? 901  G   A "C2'" 1 
ATOM   8   O "O2'" . G   A 1 1 ? 14.575  13.849  -5.625  1.00 23.69 ? 901  G   A "O2'" 1 
ATOM   9   C "C1'" . G   A 1 1 ? 12.329  13.750  -6.525  1.00 25.34 ? 901  G   A "C1'" 1 
ATOM   10  N N9    . G   A 1 1 ? 11.013  13.137  -6.238  1.00 24.05 ? 901  G   A N9    1 
ATOM   11  C C8    . G   A 1 1 ? 10.209  12.429  -7.111  1.00 25.02 ? 901  G   A C8    1 
ATOM   12  N N7    . G   A 1 1 ? 9.082   11.964  -6.571  1.00 26.26 ? 901  G   A N7    1 
ATOM   13  C C5    . G   A 1 1 ? 9.140   12.388  -5.229  1.00 24.45 ? 901  G   A C5    1 
ATOM   14  C C6    . G   A 1 1 ? 8.210   12.172  -4.143  1.00 27.15 ? 901  G   A C6    1 
ATOM   15  O O6    . G   A 1 1 ? 7.108   11.585  -4.143  1.00 27.43 ? 901  G   A O6    1 
ATOM   16  N N1    . G   A 1 1 ? 8.604   12.727  -2.924  1.00 24.39 ? 901  G   A N1    1 
ATOM   17  C C2    . G   A 1 1 ? 9.802   13.439  -2.787  1.00 26.60 ? 901  G   A C2    1 
ATOM   18  N N2    . G   A 1 1 ? 9.972   13.897  -1.526  1.00 21.87 ? 901  G   A N2    1 
ATOM   19  N N3    . G   A 1 1 ? 10.710  13.655  -3.820  1.00 24.18 ? 901  G   A N3    1 
ATOM   20  C C4    . G   A 1 1 ? 10.325  13.094  -5.002  1.00 24.45 ? 901  G   A C4    1 
ATOM   21  P P     . C   A 1 2 ? 15.408  10.053  -6.252  1.00 33.46 ? 902  C   A P     1 
ATOM   22  O OP1   . C   A 1 2 ? 16.825  9.628   -6.404  1.00 31.57 ? 902  C   A OP1   1 
ATOM   23  O OP2   . C   A 1 2 ? 14.292  9.121   -6.632  1.00 31.71 ? 902  C   A OP2   1 
ATOM   24  O "O5'" . C   A 1 2 ? 15.129  10.409  -4.693  1.00 28.64 ? 902  C   A "O5'" 1 
ATOM   25  C "C5'" . C   A 1 2 ? 15.903  11.313  -3.891  1.00 26.39 ? 902  C   A "C5'" 1 
ATOM   26  C "C4'" . C   A 1 2 ? 15.211  11.418  -2.546  1.00 26.35 ? 902  C   A "C4'" 1 
ATOM   27  O "O4'" . C   A 1 2 ? 13.845  11.864  -2.736  1.00 27.09 ? 902  C   A "O4'" 1 
ATOM   28  C "C3'" . C   A 1 2 ? 14.950  10.110  -1.827  1.00 25.60 ? 902  C   A "C3'" 1 
ATOM   29  O "O3'" . C   A 1 2 ? 16.136  9.660   -1.228  1.00 26.74 ? 902  C   A "O3'" 1 
ATOM   30  C "C2'" . C   A 1 2 ? 13.953  10.590  -0.775  1.00 24.34 ? 902  C   A "C2'" 1 
ATOM   31  O "O2'" . C   A 1 2 ? 14.544  11.460  0.175   1.00 21.05 ? 902  C   A "O2'" 1 
ATOM   32  C "C1'" . C   A 1 2 ? 13.025  11.375  -1.663  1.00 25.14 ? 902  C   A "C1'" 1 
ATOM   33  N N1    . C   A 1 2 ? 11.857  10.612  -2.205  1.00 24.69 ? 902  C   A N1    1 
ATOM   34  C C2    . C   A 1 2 ? 10.722  10.397  -1.398  1.00 24.36 ? 902  C   A C2    1 
ATOM   35  O O2    . C   A 1 2 ? 10.723  10.815  -0.247  1.00 18.51 ? 902  C   A O2    1 
ATOM   36  N N3    . C   A 1 2 ? 9.654   9.726   -1.911  1.00 23.70 ? 902  C   A N3    1 
ATOM   37  C C4    . C   A 1 2 ? 9.729   9.309   -3.168  1.00 24.98 ? 902  C   A C4    1 
ATOM   38  N N4    . C   A 1 2 ? 8.682   8.652   -3.668  1.00 26.78 ? 902  C   A N4    1 
ATOM   39  C C5    . C   A 1 2 ? 10.854  9.508   -4.011  1.00 22.41 ? 902  C   A C5    1 
ATOM   40  C C6    . C   A 1 2 ? 11.891  10.148  -3.486  1.00 25.28 ? 902  C   A C6    1 
ATOM   41  P P     . A   A 1 3 ? 16.288  8.122   -0.814  1.00 25.52 ? 903  A   A P     1 
ATOM   42  O OP1   . A   A 1 3 ? 17.649  7.932   -0.264  1.00 24.89 ? 903  A   A OP1   1 
ATOM   43  O OP2   . A   A 1 3 ? 15.831  7.296   -1.954  1.00 24.35 ? 903  A   A OP2   1 
ATOM   44  O "O5'" . A   A 1 3 ? 15.223  7.961   0.369   1.00 22.73 ? 903  A   A "O5'" 1 
ATOM   45  C "C5'" . A   A 1 3 ? 15.240  8.864   1.469   1.00 22.53 ? 903  A   A "C5'" 1 
ATOM   46  C "C4'" . A   A 1 3 ? 14.279  8.411   2.554   1.00 24.69 ? 903  A   A "C4'" 1 
ATOM   47  O "O4'" . A   A 1 3 ? 12.955  8.931   2.274   1.00 27.02 ? 903  A   A "O4'" 1 
ATOM   48  C "C3'" . A   A 1 3 ? 14.106  6.902   2.671   1.00 24.28 ? 903  A   A "C3'" 1 
ATOM   49  O "O3'" . A   A 1 3 ? 15.059  6.373   3.583   1.00 22.49 ? 903  A   A "O3'" 1 
ATOM   50  C "C2'" . A   A 1 3 ? 12.686  6.783   3.214   1.00 25.22 ? 903  A   A "C2'" 1 
ATOM   51  O "O2'" . A   A 1 3 ? 12.626  6.988   4.612   1.00 25.14 ? 903  A   A "O2'" 1 
ATOM   52  C "C1'" . A   A 1 3 ? 11.984  7.925   2.485   1.00 24.73 ? 903  A   A "C1'" 1 
ATOM   53  N N9    . A   A 1 3 ? 11.433  7.536   1.190   1.00 25.01 ? 903  A   A N9    1 
ATOM   54  C C8    . A   A 1 3 ? 11.993  7.744   -0.040  1.00 22.89 ? 903  A   A C8    1 
ATOM   55  N N7    . A   A 1 3 ? 11.270  7.287   -1.035  1.00 19.83 ? 903  A   A N7    1 
ATOM   56  C C5    . A   A 1 3 ? 10.158  6.742   -0.416  1.00 22.14 ? 903  A   A C5    1 
ATOM   57  C C6    . A   A 1 3 ? 9.012   6.096   -0.919  1.00 23.28 ? 903  A   A C6    1 
ATOM   58  N N6    . A   A 1 3 ? 8.797   5.886   -2.222  1.00 25.27 ? 903  A   A N6    1 
ATOM   59  N N1    . A   A 1 3 ? 8.091   5.672   -0.029  1.00 24.74 ? 903  A   A N1    1 
ATOM   60  C C2    . A   A 1 3 ? 8.310   5.884   1.275   1.00 21.74 ? 903  A   A C2    1 
ATOM   61  N N3    . A   A 1 3 ? 9.345   6.477   1.866   1.00 25.41 ? 903  A   A N3    1 
ATOM   62  C C4    . A   A 1 3 ? 10.242  6.887   0.957   1.00 24.84 ? 903  A   A C4    1 
ATOM   63  P P     . U   A 1 4 ? 15.545  4.855   3.445   1.00 22.97 ? 904  U   A P     1 
ATOM   64  O OP1   . U   A 1 4 ? 16.564  4.576   4.457   1.00 23.32 ? 904  U   A OP1   1 
ATOM   65  O OP2   . U   A 1 4 ? 15.917  4.575   2.033   1.00 25.88 ? 904  U   A OP2   1 
ATOM   66  O "O5'" . U   A 1 4 ? 14.261  3.979   3.897   1.00 19.61 ? 904  U   A "O5'" 1 
ATOM   67  C "C5'" . U   A 1 4 ? 13.811  4.079   5.224   1.00 18.57 ? 904  U   A "C5'" 1 
ATOM   68  C "C4'" . U   A 1 4 ? 12.447  3.415   5.375   1.00 16.65 ? 904  U   A "C4'" 1 
ATOM   69  O "O4'" . U   A 1 4 ? 11.488  4.171   4.606   1.00 16.25 ? 904  U   A "O4'" 1 
ATOM   70  C "C3'" . U   A 1 4 ? 12.360  2.005   4.807   1.00 15.58 ? 904  U   A "C3'" 1 
ATOM   71  O "O3'" . U   A 1 4 ? 12.861  1.045   5.728   1.00 16.86 ? 904  U   A "O3'" 1 
ATOM   72  C "C2'" . U   A 1 4 ? 10.856  1.895   4.664   1.00 18.05 ? 904  U   A "C2'" 1 
ATOM   73  O "O2'" . U   A 1 4 ? 10.297  1.673   5.948   1.00 14.38 ? 904  U   A "O2'" 1 
ATOM   74  C "C1'" . U   A 1 4 ? 10.510  3.282   4.075   1.00 18.45 ? 904  U   A "C1'" 1 
ATOM   75  N N1    . U   A 1 4 ? 10.474  3.210   2.585   1.00 19.21 ? 904  U   A N1    1 
ATOM   76  C C2    . U   A 1 4 ? 9.315   2.693   1.954   1.00 21.99 ? 904  U   A C2    1 
ATOM   77  O O2    . U   A 1 4 ? 8.303   2.343   2.541   1.00 21.64 ? 904  U   A O2    1 
ATOM   78  N N3    . U   A 1 4 ? 9.332   2.610   0.584   1.00 22.06 ? 904  U   A N3    1 
ATOM   79  C C4    . U   A 1 4 ? 10.392  2.961   -0.214  1.00 21.75 ? 904  U   A C4    1 
ATOM   80  O O4    . U   A 1 4 ? 10.270  2.806   -1.437  1.00 22.44 ? 904  U   A O4    1 
ATOM   81  C C5    . U   A 1 4 ? 11.564  3.447   0.477   1.00 16.13 ? 904  U   A C5    1 
ATOM   82  C C6    . U   A 1 4 ? 11.584  3.557   1.816   1.00 20.53 ? 904  U   A C6    1 
ATOM   83  P P     . C   A 1 5 ? 13.624  -0.314  5.376   1.00 20.57 ? 905  C   A P     1 
ATOM   84  O OP1   . C   A 1 5 ? 14.373  -0.860  6.567   1.00 20.45 ? 905  C   A OP1   1 
ATOM   85  O OP2   . C   A 1 5 ? 14.420  -0.147  4.098   1.00 19.81 ? 905  C   A OP2   1 
ATOM   86  O "O5'" . C   A 1 5 ? 12.388  -1.245  5.134   1.00 17.64 ? 905  C   A "O5'" 1 
ATOM   87  C "C5'" . C   A 1 5 ? 11.525  -1.668  6.214   1.00 12.06 ? 905  C   A "C5'" 1 
ATOM   88  C "C4'" . C   A 1 5 ? 10.214  -2.120  5.562   1.00 16.31 ? 905  C   A "C4'" 1 
ATOM   89  O "O4'" . C   A 1 5 ? 9.635   -1.103  4.672   1.00 17.81 ? 905  C   A "O4'" 1 
ATOM   90  C "C3'" . C   A 1 5 ? 10.280  -3.318  4.634   1.00 15.32 ? 905  C   A "C3'" 1 
ATOM   91  O "O3'" . C   A 1 5 ? 10.461  -4.523  5.334   1.00 13.66 ? 905  C   A "O3'" 1 
ATOM   92  C "C2'" . C   A 1 5 ? 8.843   -3.235  4.020   1.00 18.38 ? 905  C   A "C2'" 1 
ATOM   93  O "O2'" . C   A 1 5 ? 7.741   -3.739  4.795   1.00 22.26 ? 905  C   A "O2'" 1 
ATOM   94  C "C1'" . C   A 1 5 ? 8.713   -1.734  3.765   1.00 18.54 ? 905  C   A "C1'" 1 
ATOM   95  N N1    . C   A 1 5 ? 9.284   -1.359  2.411   1.00 20.68 ? 905  C   A N1    1 
ATOM   96  C C2    . C   A 1 5 ? 8.582   -1.578  1.212   1.00 19.92 ? 905  C   A C2    1 
ATOM   97  O O2    . C   A 1 5 ? 7.429   -2.074  1.181   1.00 20.72 ? 905  C   A O2    1 
ATOM   98  N N3    . C   A 1 5 ? 9.223   -1.213  0.118   1.00 15.08 ? 905  C   A N3    1 
ATOM   99  C C4    . C   A 1 5 ? 10.428  -0.684  0.125   1.00 19.47 ? 905  C   A C4    1 
ATOM   100 N N4    . C   A 1 5 ? 10.956  -0.342  -1.063  1.00 17.39 ? 905  C   A N4    1 
ATOM   101 C C5    . C   A 1 5 ? 11.180  -0.475  1.303   1.00 19.48 ? 905  C   A C5    1 
ATOM   102 C C6    . C   A 1 5 ? 10.549  -0.840  2.387   1.00 19.95 ? 905  C   A C6    1 
ATOM   103 P P     . C   A 1 6 ? 11.249  -5.779  4.794   1.00 16.66 ? 906  C   A P     1 
ATOM   104 O OP1   . C   A 1 6 ? 11.218  -6.707  5.887   1.00 12.45 ? 906  C   A OP1   1 
ATOM   105 O OP2   . C   A 1 6 ? 12.518  -5.437  4.106   1.00 19.17 ? 906  C   A OP2   1 
ATOM   106 O "O5'" . C   A 1 6 ? 10.249  -6.322  3.624   1.00 17.27 ? 906  C   A "O5'" 1 
ATOM   107 C "C5'" . C   A 1 6 ? 8.929   -6.813  3.977   1.00 17.52 ? 906  C   A "C5'" 1 
ATOM   108 C "C4'" . C   A 1 6 ? 8.093   -7.117  2.705   1.00 18.80 ? 906  C   A "C4'" 1 
ATOM   109 O "O4'" . C   A 1 6 ? 7.698   -5.900  2.045   1.00 18.86 ? 906  C   A "O4'" 1 
ATOM   110 C "C3'" . C   A 1 6 ? 8.807   -7.914  1.614   1.00 18.12 ? 906  C   A "C3'" 1 
ATOM   111 O "O3'" . C   A 1 6 ? 8.839   -9.307  2.000   1.00 20.31 ? 906  C   A "O3'" 1 
ATOM   112 C "C2'" . C   A 1 6 ? 7.876   -7.621  0.435   1.00 19.61 ? 906  C   A "C2'" 1 
ATOM   113 O "O2'" . C   A 1 6 ? 6.612   -8.259  0.624   1.00 14.78 ? 906  C   A "O2'" 1 
ATOM   114 C "C1'" . C   A 1 6 ? 7.758   -6.116  0.635   1.00 21.21 ? 906  C   A "C1'" 1 
ATOM   115 N N1    . C   A 1 6 ? 8.883   -5.323  -0.012  1.00 23.34 ? 906  C   A N1    1 
ATOM   116 C C2    . C   A 1 6 ? 8.845   -5.118  -1.411  1.00 23.32 ? 906  C   A C2    1 
ATOM   117 O O2    . C   A 1 6 ? 7.941   -5.542  -2.157  1.00 23.89 ? 906  C   A O2    1 
ATOM   118 N N3    . C   A 1 6 ? 9.815   -4.403  -1.969  1.00 22.91 ? 906  C   A N3    1 
ATOM   119 C C4    . C   A 1 6 ? 10.824  -3.928  -1.276  1.00 21.80 ? 906  C   A C4    1 
ATOM   120 N N4    . C   A 1 6 ? 11.703  -3.254  -2.055  1.00 25.20 ? 906  C   A N4    1 
ATOM   121 C C5    . C   A 1 6 ? 10.946  -4.120  0.127   1.00 22.48 ? 906  C   A C5    1 
ATOM   122 C C6    . C   A 1 6 ? 9.951   -4.806  0.730   1.00 24.14 ? 906  C   A C6    1 
ATOM   123 P P     . G   A 1 7 ? 9.908   -10.351 1.352   1.00 27.06 ? 907  G   A P     1 
ATOM   124 O OP1   . G   A 1 7 ? 9.695   -11.658 1.950   1.00 23.33 ? 907  G   A OP1   1 
ATOM   125 O OP2   . G   A 1 7 ? 11.270  -9.786  1.245   1.00 25.34 ? 907  G   A OP2   1 
ATOM   126 O "O5'" . G   A 1 7 ? 9.490   -10.412 -0.192  1.00 22.39 ? 907  G   A "O5'" 1 
ATOM   127 C "C5'" . G   A 1 7 ? 8.332   -11.067 -0.610  1.00 22.95 ? 907  G   A "C5'" 1 
ATOM   128 C "C4'" . G   A 1 7 ? 8.240   -10.971 -2.111  1.00 22.94 ? 907  G   A "C4'" 1 
ATOM   129 O "O4'" . G   A 1 7 ? 8.107   -9.561  -2.417  1.00 24.00 ? 907  G   A "O4'" 1 
ATOM   130 C "C3'" . G   A 1 7 ? 9.410   -11.477 -2.982  1.00 24.27 ? 907  G   A "C3'" 1 
ATOM   131 O "O3'" . G   A 1 7 ? 9.513   -12.931 -3.141  1.00 24.38 ? 907  G   A "O3'" 1 
ATOM   132 C "C2'" . G   A 1 7 ? 9.086   -10.737 -4.289  1.00 25.83 ? 907  G   A "C2'" 1 
ATOM   133 O "O2'" . G   A 1 7 ? 8.013   -11.253 -5.082  1.00 26.21 ? 907  G   A "O2'" 1 
ATOM   134 C "C1'" . G   A 1 7 ? 8.680   -9.357  -3.714  1.00 27.60 ? 907  G   A "C1'" 1 
ATOM   135 N N9    . G   A 1 7 ? 9.795   -8.412  -3.617  1.00 27.35 ? 907  G   A N9    1 
ATOM   136 C C8    . G   A 1 7 ? 10.475  -8.056  -2.471  1.00 27.64 ? 907  G   A C8    1 
ATOM   137 N N7    . G   A 1 7 ? 11.437  -7.208  -2.702  1.00 29.00 ? 907  G   A N7    1 
ATOM   138 C C5    . G   A 1 7 ? 11.390  -6.996  -4.086  1.00 26.82 ? 907  G   A C5    1 
ATOM   139 C C6    . G   A 1 7 ? 12.207  -6.166  -4.860  1.00 29.95 ? 907  G   A C6    1 
ATOM   140 O O6    . G   A 1 7 ? 13.114  -5.485  -4.329  1.00 30.26 ? 907  G   A O6    1 
ATOM   141 N N1    . G   A 1 7 ? 11.933  -6.178  -6.274  1.00 28.77 ? 907  G   A N1    1 
ATOM   142 C C2    . G   A 1 7 ? 10.883  -6.981  -6.814  1.00 31.65 ? 907  G   A C2    1 
ATOM   143 N N2    . G   A 1 7 ? 10.669  -6.910  -8.149  1.00 26.01 ? 907  G   A N2    1 
ATOM   144 N N3    . G   A 1 7 ? 10.080  -7.792  -6.030  1.00 29.11 ? 907  G   A N3    1 
ATOM   145 C C4    . G   A 1 7 ? 10.406  -7.746  -4.688  1.00 29.03 ? 907  G   A C4    1 
ATOM   146 O "O5'" . C   B 2 1 ? 15.318  -0.740  -12.031 1.00 33.20 ? 966  C   B "O5'" 1 
ATOM   147 C "C5'" . C   B 2 1 ? 15.107  -1.469  -13.249 1.00 31.00 ? 966  C   B "C5'" 1 
ATOM   148 C "C4'" . C   B 2 1 ? 13.959  -2.459  -13.103 1.00 29.73 ? 966  C   B "C4'" 1 
ATOM   149 O "O4'" . C   B 2 1 ? 14.439  -3.684  -12.452 1.00 29.90 ? 966  C   B "O4'" 1 
ATOM   150 C "C3'" . C   B 2 1 ? 12.703  -2.044  -12.302 1.00 29.80 ? 966  C   B "C3'" 1 
ATOM   151 O "O3'" . C   B 2 1 ? 11.774  -1.353  -13.134 1.00 28.15 ? 966  C   B "O3'" 1 
ATOM   152 C "C2'" . C   B 2 1 ? 12.129  -3.425  -12.026 1.00 28.17 ? 966  C   B "C2'" 1 
ATOM   153 O "O2'" . C   B 2 1 ? 11.663  -3.986  -13.243 1.00 23.76 ? 966  C   B "O2'" 1 
ATOM   154 C "C1'" . C   B 2 1 ? 13.395  -4.181  -11.610 1.00 30.14 ? 966  C   B "C1'" 1 
ATOM   155 N N1    . C   B 2 1 ? 13.705  -4.090  -10.121 1.00 28.82 ? 966  C   B N1    1 
ATOM   156 C C2    . C   B 2 1 ? 12.966  -4.906  -9.246  1.00 27.53 ? 966  C   B C2    1 
ATOM   157 O O2    . C   B 2 1 ? 12.086  -5.676  -9.648  1.00 26.54 ? 966  C   B O2    1 
ATOM   158 N N3    . C   B 2 1 ? 13.226  -4.855  -7.936  1.00 28.45 ? 966  C   B N3    1 
ATOM   159 C C4    . C   B 2 1 ? 14.146  -4.025  -7.447  1.00 30.59 ? 966  C   B C4    1 
ATOM   160 N N4    . C   B 2 1 ? 14.290  -4.056  -6.100  1.00 30.32 ? 966  C   B N4    1 
ATOM   161 C C5    . C   B 2 1 ? 14.927  -3.164  -8.298  1.00 28.55 ? 966  C   B C5    1 
ATOM   162 C C6    . C   B 2 1 ? 14.668  -3.235  -9.627  1.00 29.62 ? 966  C   B C6    1 
ATOM   163 P P     . G   B 2 2 ? 10.664  -0.388  -12.538 1.00 31.43 ? 967  G   B P     1 
ATOM   164 O OP1   . G   B 2 2 ? 10.030  0.296   -13.673 1.00 31.60 ? 967  G   B OP1   1 
ATOM   165 O OP2   . G   B 2 2 ? 11.273  0.418   -11.424 1.00 27.64 ? 967  G   B OP2   1 
ATOM   166 O "O5'" . G   B 2 2 ? 9.585   -1.409  -11.895 1.00 29.04 ? 967  G   B "O5'" 1 
ATOM   167 C "C5'" . G   B 2 2 ? 8.817   -2.315  -12.682 1.00 25.95 ? 967  G   B "C5'" 1 
ATOM   168 C "C4'" . G   B 2 2 ? 7.979   -3.167  -11.739 1.00 27.35 ? 967  G   B "C4'" 1 
ATOM   169 O "O4'" . G   B 2 2 ? 8.871   -4.020  -11.001 1.00 27.31 ? 967  G   B "O4'" 1 
ATOM   170 C "C3'" . G   B 2 2 ? 7.186   -2.476  -10.629 1.00 25.10 ? 967  G   B "C3'" 1 
ATOM   171 O "O3'" . G   B 2 2 ? 6.002   -1.899  -11.120 1.00 26.70 ? 967  G   B "O3'" 1 
ATOM   172 C "C2'" . G   B 2 2 ? 6.890   -3.667  -9.717  1.00 26.36 ? 967  G   B "C2'" 1 
ATOM   173 O "O2'" . G   B 2 2 ? 5.938   -4.610  -10.200 1.00 21.86 ? 967  G   B "O2'" 1 
ATOM   174 C "C1'" . G   B 2 2 ? 8.287   -4.247  -9.709  1.00 27.87 ? 967  G   B "C1'" 1 
ATOM   175 N N9    . G   B 2 2 ? 9.169   -3.647  -8.712  1.00 27.82 ? 967  G   B N9    1 
ATOM   176 C C8    . G   B 2 2 ? 10.170  -2.703  -8.911  1.00 29.50 ? 967  G   B C8    1 
ATOM   177 N N7    . G   B 2 2 ? 10.825  -2.352  -7.835  1.00 29.42 ? 967  G   B N7    1 
ATOM   178 C C5    . G   B 2 2 ? 10.208  -3.132  -6.871  1.00 28.93 ? 967  G   B C5    1 
ATOM   179 C C6    . G   B 2 2 ? 10.494  -3.175  -5.518  1.00 29.56 ? 967  G   B C6    1 
ATOM   180 O O6    . G   B 2 2 ? 11.404  -2.495  -5.037  1.00 29.92 ? 967  G   B O6    1 
ATOM   181 N N1    . G   B 2 2 ? 9.645   -4.069  -4.783  1.00 29.99 ? 967  G   B N1    1 
ATOM   182 C C2    . G   B 2 2 ? 8.622   -4.838  -5.379  1.00 30.10 ? 967  G   B C2    1 
ATOM   183 N N2    . G   B 2 2 ? 7.879   -5.630  -4.574  1.00 26.42 ? 967  G   B N2    1 
ATOM   184 N N3    . G   B 2 2 ? 8.348   -4.800  -6.705  1.00 26.24 ? 967  G   B N3    1 
ATOM   185 C C4    . G   B 2 2 ? 9.177   -3.930  -7.370  1.00 28.93 ? 967  G   B C4    1 
ATOM   186 P P     . G   B 2 3 ? 5.260   -0.761  -10.275 1.00 29.02 ? 968  G   B P     1 
ATOM   187 O OP1   . G   B 2 3 ? 4.061   -0.340  -11.033 1.00 27.87 ? 968  G   B OP1   1 
ATOM   188 O OP2   . G   B 2 3 ? 6.273   0.244   -9.878  1.00 32.85 ? 968  G   B OP2   1 
ATOM   189 O "O5'" . G   B 2 3 ? 4.795   -1.537  -8.956  1.00 26.73 ? 968  G   B "O5'" 1 
ATOM   190 C "C5'" . G   B 2 3 ? 3.949   -2.676  -9.063  1.00 24.78 ? 968  G   B "C5'" 1 
ATOM   191 C "C4'" . G   B 2 3 ? 3.468   -3.124  -7.694  1.00 22.43 ? 968  G   B "C4'" 1 
ATOM   192 O "O4'" . G   B 2 3 ? 4.534   -3.840  -7.019  1.00 26.18 ? 968  G   B "O4'" 1 
ATOM   193 C "C3'" . G   B 2 3 ? 3.076   -1.999  -6.748  1.00 22.34 ? 968  G   B "C3'" 1 
ATOM   194 O "O3'" . G   B 2 3 ? 1.702   -1.679  -6.919  1.00 20.74 ? 968  G   B "O3'" 1 
ATOM   195 C "C2'" . G   B 2 3 ? 3.335   -2.625  -5.382  1.00 21.35 ? 968  G   B "C2'" 1 
ATOM   196 O "O2'" . G   B 2 3 ? 2.270   -3.452  -4.958  1.00 21.06 ? 968  G   B "O2'" 1 
ATOM   197 C "C1'" . G   B 2 3 ? 4.579   -3.466  -5.655  1.00 25.82 ? 968  G   B "C1'" 1 
ATOM   198 N N9    . G   B 2 3 ? 5.830   -2.753  -5.412  1.00 26.85 ? 968  G   B N9    1 
ATOM   199 C C8    . G   B 2 3 ? 6.674   -2.218  -6.356  1.00 25.61 ? 968  G   B C8    1 
ATOM   200 N N7    . G   B 2 3 ? 7.721   -1.635  -5.844  1.00 25.06 ? 968  G   B N7    1 
ATOM   201 C C5    . G   B 2 3 ? 7.563   -1.793  -4.473  1.00 26.45 ? 968  G   B C5    1 
ATOM   202 C C6    . G   B 2 3 ? 8.388   -1.367  -3.406  1.00 25.45 ? 968  G   B C6    1 
ATOM   203 O O6    . G   B 2 3 ? 9.458   -0.743  -3.463  1.00 27.57 ? 968  G   B O6    1 
ATOM   204 N N1    . G   B 2 3 ? 7.861   -1.733  -2.169  1.00 26.09 ? 968  G   B N1    1 
ATOM   205 C C2    . G   B 2 3 ? 6.685   -2.423  -1.989  1.00 28.39 ? 968  G   B C2    1 
ATOM   206 N N2    . G   B 2 3 ? 6.339   -2.685  -0.720  1.00 27.51 ? 968  G   B N2    1 
ATOM   207 N N3    . G   B 2 3 ? 5.904   -2.828  -2.981  1.00 28.91 ? 968  G   B N3    1 
ATOM   208 C C4    . G   B 2 3 ? 6.404   -2.479  -4.192  1.00 26.89 ? 968  G   B C4    1 
ATOM   209 P P     . A   B 2 4 ? 1.172   -0.206  -6.585  1.00 23.33 ? 969  A   B P     1 
ATOM   210 O OP1   . A   B 2 4 ? -0.264  -0.127  -6.896  1.00 27.14 ? 969  A   B OP1   1 
ATOM   211 O OP2   . A   B 2 4 ? 2.107   0.790   -7.149  1.00 27.74 ? 969  A   B OP2   1 
ATOM   212 O "O5'" . A   B 2 4 ? 1.258   -0.112  -4.997  1.00 23.79 ? 969  A   B "O5'" 1 
ATOM   213 C "C5'" . A   B 2 4 ? 0.387   -0.956  -4.190  1.00 21.19 ? 969  A   B "C5'" 1 
ATOM   214 C "C4'" . A   B 2 4 ? 0.771   -0.763  -2.718  1.00 17.13 ? 969  A   B "C4'" 1 
ATOM   215 O "O4'" . A   B 2 4 ? 2.067   -1.356  -2.527  1.00 19.51 ? 969  A   B "O4'" 1 
ATOM   216 C "C3'" . A   B 2 4 ? 0.973   0.664   -2.292  1.00 15.58 ? 969  A   B "C3'" 1 
ATOM   217 O "O3'" . A   B 2 4 ? -0.239  1.198   -1.813  1.00 17.96 ? 969  A   B "O3'" 1 
ATOM   218 C "C2'" . A   B 2 4 ? 1.902   0.474   -1.105  1.00 18.00 ? 969  A   B "C2'" 1 
ATOM   219 O "O2'" . A   B 2 4 ? 1.201   -0.029  -0.019  1.00 15.10 ? 969  A   B "O2'" 1 
ATOM   220 C "C1'" . A   B 2 4 ? 2.830   -0.615  -1.580  1.00 21.32 ? 969  A   B "C1'" 1 
ATOM   221 N N9    . A   B 2 4 ? 3.944   0.069   -2.202  1.00 21.01 ? 969  A   B N9    1 
ATOM   222 C C8    . A   B 2 4 ? 4.068   0.427   -3.523  1.00 23.03 ? 969  A   B C8    1 
ATOM   223 N N7    . A   B 2 4 ? 5.181   1.084   -3.818  1.00 20.11 ? 969  A   B N7    1 
ATOM   224 C C5    . A   B 2 4 ? 5.768   1.145   -2.562  1.00 23.20 ? 969  A   B C5    1 
ATOM   225 C C6    . A   B 2 4 ? 6.937   1.711   -2.239  1.00 22.33 ? 969  A   B C6    1 
ATOM   226 N N6    . A   B 2 4 ? 7.593   2.280   -3.271  1.00 22.30 ? 969  A   B N6    1 
ATOM   227 N N1    . A   B 2 4 ? 7.333   1.687   -0.930  1.00 25.23 ? 969  A   B N1    1 
ATOM   228 C C2    . A   B 2 4 ? 6.536   1.066   -0.017  1.00 24.84 ? 969  A   B C2    1 
ATOM   229 N N3    . A   B 2 4 ? 5.343   0.476   -0.244  1.00 21.10 ? 969  A   B N3    1 
ATOM   230 C C4    . A   B 2 4 ? 5.043   0.566   -1.547  1.00 22.27 ? 969  A   B C4    1 
ATOM   231 P P     . U   B 2 5 ? -0.685  2.730   -1.865  1.00 21.05 ? 970  U   B P     1 
ATOM   232 O OP1   . U   B 2 5 ? -2.197  2.819   -1.688  1.00 21.37 ? 970  U   B OP1   1 
ATOM   233 O OP2   . U   B 2 5 ? -0.088  3.303   -3.072  1.00 20.64 ? 970  U   B OP2   1 
ATOM   234 O "O5'" . U   B 2 5 ? -0.070  3.315   -0.530  1.00 22.78 ? 970  U   B "O5'" 1 
ATOM   235 C "C5'" . U   B 2 5 ? -0.561  2.818   0.743   1.00 18.90 ? 970  U   B "C5'" 1 
ATOM   236 C "C4'" . U   B 2 5 ? 0.487   3.172   1.772   1.00 20.73 ? 970  U   B "C4'" 1 
ATOM   237 O "O4'" . U   B 2 5 ? 1.769   2.603   1.343   1.00 20.87 ? 970  U   B "O4'" 1 
ATOM   238 C "C3'" . U   B 2 5 ? 0.777   4.666   1.900   1.00 16.19 ? 970  U   B "C3'" 1 
ATOM   239 O "O3'" . U   B 2 5 ? -0.255  5.367   2.532   1.00 14.08 ? 970  U   B "O3'" 1 
ATOM   240 C "C2'" . U   B 2 5 ? 2.035   4.575   2.744   1.00 13.27 ? 970  U   B "C2'" 1 
ATOM   241 O "O2'" . U   B 2 5 ? 1.808   4.276   4.139   1.00 15.35 ? 970  U   B "O2'" 1 
ATOM   242 C "C1'" . U   B 2 5 ? 2.748   3.422   1.988   1.00 19.38 ? 970  U   B "C1'" 1 
ATOM   243 N N1    . U   B 2 5 ? 3.708   3.838   0.851   1.00 19.55 ? 970  U   B N1    1 
ATOM   244 C C2    . U   B 2 5 ? 4.993   4.323   1.127   1.00 17.94 ? 970  U   B C2    1 
ATOM   245 O O2    . U   B 2 5 ? 5.423   4.436   2.258   1.00 19.85 ? 970  U   B O2    1 
ATOM   246 N N3    . U   B 2 5 ? 5.718   4.650   0.001   1.00 16.13 ? 970  U   B N3    1 
ATOM   247 C C4    . U   B 2 5 ? 5.301   4.550   -1.321  1.00 19.18 ? 970  U   B C4    1 
ATOM   248 O O4    . U   B 2 5 ? 6.035   4.851   -2.258  1.00 20.48 ? 970  U   B O4    1 
ATOM   249 C C5    . U   B 2 5 ? 3.969   4.043   -1.512  1.00 20.16 ? 970  U   B C5    1 
ATOM   250 C C6    . U   B 2 5 ? 3.265   3.715   -0.434  1.00 18.54 ? 970  U   B C6    1 
ATOM   251 P P     . G   B 2 6 ? -0.628  6.878   2.254   1.00 17.35 ? 971  G   B P     1 
ATOM   252 O OP1   . G   B 2 6 ? -1.793  7.294   3.060   1.00 16.69 ? 971  G   B OP1   1 
ATOM   253 O OP2   . G   B 2 6 ? -0.546  7.170   0.811   1.00 20.09 ? 971  G   B OP2   1 
ATOM   254 O "O5'" . G   B 2 6 ? 0.702   7.667   2.832   1.00 19.00 ? 971  G   B "O5'" 1 
ATOM   255 C "C5'" . G   B 2 6 ? 0.975   7.720   4.240   1.00 19.10 ? 971  G   B "C5'" 1 
ATOM   256 C "C4'" . G   B 2 6 ? 2.373   8.301   4.475   1.00 17.70 ? 971  G   B "C4'" 1 
ATOM   257 O "O4'" . G   B 2 6 ? 3.397   7.450   3.893   1.00 21.66 ? 971  G   B "O4'" 1 
ATOM   258 C "C3'" . G   B 2 6 ? 2.669   9.625   3.814   1.00 17.94 ? 971  G   B "C3'" 1 
ATOM   259 O "O3'" . G   B 2 6 ? 2.081   10.657  4.600   1.00 19.13 ? 971  G   B "O3'" 1 
ATOM   260 C "C2'" . G   B 2 6 ? 4.191   9.645   3.877   1.00 21.14 ? 971  G   B "C2'" 1 
ATOM   261 O "O2'" . G   B 2 6 ? 4.606   9.772   5.220   1.00 17.52 ? 971  G   B "O2'" 1 
ATOM   262 C "C1'" . G   B 2 6 ? 4.485   8.225   3.390   1.00 23.19 ? 971  G   B "C1'" 1 
ATOM   263 N N9    . G   B 2 6 ? 4.665   8.113   1.922   1.00 23.14 ? 971  G   B N9    1 
ATOM   264 C C8    . G   B 2 6 ? 3.807   7.631   0.916   1.00 24.16 ? 971  G   B C8    1 
ATOM   265 N N7    . G   B 2 6 ? 4.309   7.742   -0.308  1.00 23.83 ? 971  G   B N7    1 
ATOM   266 C C5    . G   B 2 6 ? 5.578   8.277   -0.098  1.00 22.51 ? 971  G   B C5    1 
ATOM   267 C C6    . G   B 2 6 ? 6.570   8.606   -1.050  1.00 27.69 ? 971  G   B C6    1 
ATOM   268 O O6    . G   B 2 6 ? 6.495   8.420   -2.311  1.00 24.07 ? 971  G   B O6    1 
ATOM   269 N N1    . G   B 2 6 ? 7.718   9.202   -0.430  1.00 24.95 ? 971  G   B N1    1 
ATOM   270 C C2    . G   B 2 6 ? 7.846   9.425   0.953   1.00 27.55 ? 971  G   B C2    1 
ATOM   271 N N2    . G   B 2 6 ? 8.996   10.018  1.390   1.00 23.57 ? 971  G   B N2    1 
ATOM   272 N N3    . G   B 2 6 ? 6.885   9.106   1.852   1.00 22.79 ? 971  G   B N3    1 
ATOM   273 C C4    . G   B 2 6 ? 5.800   8.546   1.242   1.00 24.16 ? 971  G   B C4    1 
ATOM   274 P P     . C   B 2 7 ? 1.797   12.122  4.009   1.00 23.68 ? 972  C   B P     1 
ATOM   275 O OP1   . C   B 2 7 ? 1.062   12.780  5.087   1.00 19.98 ? 972  C   B OP1   1 
ATOM   276 O OP2   . C   B 2 7 ? 1.215   11.977  2.664   1.00 24.85 ? 972  C   B OP2   1 
ATOM   277 O "O5'" . C   B 2 7 ? 3.219   12.760  3.755   1.00 19.77 ? 972  C   B "O5'" 1 
ATOM   278 C "C5'" . C   B 2 7 ? 3.956   13.201  4.889   1.00 21.68 ? 972  C   B "C5'" 1 
ATOM   279 C "C4'" . C   B 2 7 ? 5.284   13.722  4.419   1.00 21.64 ? 972  C   B "C4'" 1 
ATOM   280 O "O4'" . C   B 2 7 ? 5.958   12.651  3.714   1.00 22.11 ? 972  C   B "O4'" 1 
ATOM   281 C "C3'" . C   B 2 7 ? 5.124   14.817  3.403   1.00 21.70 ? 972  C   B "C3'" 1 
ATOM   282 O "O3'" . C   B 2 7 ? 4.845   16.082  4.016   1.00 25.96 ? 972  C   B "O3'" 1 
ATOM   283 C "C2'" . C   B 2 7 ? 6.493   14.727  2.772   1.00 23.83 ? 972  C   B "C2'" 1 
ATOM   284 O "O2'" . C   B 2 7 ? 7.536   15.291  3.580   1.00 24.75 ? 972  C   B "O2'" 1 
ATOM   285 C "C1'" . C   B 2 7 ? 6.619   13.193  2.610   1.00 23.44 ? 972  C   B "C1'" 1 
ATOM   286 N N1    . C   B 2 7 ? 6.127   12.619  1.271   1.00 25.90 ? 972  C   B N1    1 
ATOM   287 C C2    . C   B 2 7 ? 7.053   12.719  0.207   1.00 26.44 ? 972  C   B C2    1 
ATOM   288 O O2    . C   B 2 7 ? 8.190   13.221  0.331   1.00 25.94 ? 972  C   B O2    1 
ATOM   289 N N3    . C   B 2 7 ? 6.727   12.254  -0.993  1.00 24.34 ? 972  C   B N3    1 
ATOM   290 C C4    . C   B 2 7 ? 5.571   11.735  -1.220  1.00 25.08 ? 972  C   B C4    1 
ATOM   291 N N4    . C   B 2 7 ? 5.516   11.349  -2.523  1.00 27.62 ? 972  C   B N4    1 
ATOM   292 C C5    . C   B 2 7 ? 4.555   11.621  -0.214  1.00 24.72 ? 972  C   B C5    1 
ATOM   293 C C6    . C   B 2 7 ? 4.880   12.068  1.028   1.00 25.27 ? 972  C   B C6    1 
ATOM   294 O "O5'" . G   C 1 1 ? -8.862  -8.149  12.695  1.00 38.13 ? 901  G   C "O5'" 1 
ATOM   295 C "C5'" . G   C 1 1 ? -8.355  -7.803  13.968  1.00 34.48 ? 901  G   C "C5'" 1 
ATOM   296 C "C4'" . G   C 1 1 ? -6.994  -7.140  13.859  1.00 33.09 ? 901  G   C "C4'" 1 
ATOM   297 O "O4'" . G   C 1 1 ? -6.065  -8.087  13.312  1.00 31.67 ? 901  G   C "O4'" 1 
ATOM   298 C "C3'" . G   C 1 1 ? -6.854  -5.923  12.953  1.00 33.36 ? 901  G   C "C3'" 1 
ATOM   299 O "O3'" . G   C 1 1 ? -7.238  -4.722  13.593  1.00 34.21 ? 901  G   C "O3'" 1 
ATOM   300 C "C2'" . G   C 1 1 ? -5.353  -5.901  12.756  1.00 33.11 ? 901  G   C "C2'" 1 
ATOM   301 O "O2'" . G   C 1 1 ? -4.598  -5.379  13.834  1.00 34.77 ? 901  G   C "O2'" 1 
ATOM   302 C "C1'" . G   C 1 1 ? -5.072  -7.378  12.582  1.00 31.80 ? 901  G   C "C1'" 1 
ATOM   303 N N9    . G   C 1 1 ? -5.043  -7.772  11.168  1.00 29.75 ? 901  G   C N9    1 
ATOM   304 C C8    . G   C 1 1 ? -5.982  -8.519  10.512  1.00 29.64 ? 901  G   C C8    1 
ATOM   305 N N7    . G   C 1 1 ? -5.653  -8.710  9.254   1.00 32.49 ? 901  G   C N7    1 
ATOM   306 C C5    . G   C 1 1 ? -4.436  -8.057  9.044   1.00 29.83 ? 901  G   C C5    1 
ATOM   307 C C6    . G   C 1 1 ? -3.614  -7.912  7.854   1.00 33.07 ? 901  G   C C6    1 
ATOM   308 O O6    . G   C 1 1 ? -3.775  -8.355  6.673   1.00 32.36 ? 901  G   C O6    1 
ATOM   309 N N1    . G   C 1 1 ? -2.463  -7.132  8.085   1.00 30.48 ? 901  G   C N1    1 
ATOM   310 C C2    . G   C 1 1 ? -2.157  -6.559  9.315   1.00 31.78 ? 901  G   C C2    1 
ATOM   311 N N2    . G   C 1 1 ? -1.008  -5.857  9.294   1.00 30.10 ? 901  G   C N2    1 
ATOM   312 N N3    . G   C 1 1 ? -2.931  -6.689  10.438  1.00 28.73 ? 901  G   C N3    1 
ATOM   313 C C4    . G   C 1 1 ? -4.055  -7.448  10.236  1.00 29.01 ? 901  G   C C4    1 
ATOM   314 P P     . C   C 1 2 ? -7.807  -3.466  12.765  1.00 37.76 ? 902  C   C P     1 
ATOM   315 O OP1   . C   C 1 2 ? -8.411  -2.491  13.731  1.00 38.27 ? 902  C   C OP1   1 
ATOM   316 O OP2   . C   C 1 2 ? -8.673  -3.982  11.662  1.00 35.82 ? 902  C   C OP2   1 
ATOM   317 O "O5'" . C   C 1 2 ? -6.488  -2.774  12.222  1.00 34.68 ? 902  C   C "O5'" 1 
ATOM   318 C "C5'" . C   C 1 2 ? -5.664  -2.075  13.108  1.00 34.44 ? 902  C   C "C5'" 1 
ATOM   319 C "C4'" . C   C 1 2 ? -4.453  -1.666  12.315  1.00 34.26 ? 902  C   C "C4'" 1 
ATOM   320 O "O4'" . C   C 1 2 ? -3.835  -2.860  11.761  1.00 34.09 ? 902  C   C "O4'" 1 
ATOM   321 C "C3'" . C   C 1 2 ? -4.825  -0.872  11.082  1.00 34.58 ? 902  C   C "C3'" 1 
ATOM   322 O "O3'" . C   C 1 2 ? -4.999  0.516   11.381  1.00 35.87 ? 902  C   C "O3'" 1 
ATOM   323 C "C2'" . C   C 1 2 ? -3.591  -1.122  10.234  1.00 33.67 ? 902  C   C "C2'" 1 
ATOM   324 O "O2'" . C   C 1 2 ? -2.477  -0.559  10.847  1.00 33.56 ? 902  C   C "O2'" 1 
ATOM   325 C "C1'" . C   C 1 2 ? -3.418  -2.603  10.413  1.00 31.78 ? 902  C   C "C1'" 1 
ATOM   326 N N1    . C   C 1 2 ? -4.062  -3.476  9.319   1.00 30.66 ? 902  C   C N1    1 
ATOM   327 C C2    . C   C 1 2 ? -3.356  -3.570  8.087   1.00 29.85 ? 902  C   C C2    1 
ATOM   328 O O2    . C   C 1 2 ? -2.304  -2.980  7.878   1.00 27.82 ? 902  C   C O2    1 
ATOM   329 N N3    . C   C 1 2 ? -3.836  -4.346  7.101   1.00 32.00 ? 902  C   C N3    1 
ATOM   330 C C4    . C   C 1 2 ? -4.978  -5.020  7.245   1.00 29.96 ? 902  C   C C4    1 
ATOM   331 N N4    . C   C 1 2 ? -5.318  -5.733  6.145   1.00 28.92 ? 902  C   C N4    1 
ATOM   332 C C5    . C   C 1 2 ? -5.724  -4.947  8.475   1.00 27.05 ? 902  C   C C5    1 
ATOM   333 C C6    . C   C 1 2 ? -5.247  -4.182  9.484   1.00 27.50 ? 902  C   C C6    1 
ATOM   334 P P     . A   C 1 3 ? -6.072  1.406   10.580  1.00 32.95 ? 903  A   C P     1 
ATOM   335 O OP1   . A   C 1 3 ? -6.190  2.729   11.274  1.00 35.11 ? 903  A   C OP1   1 
ATOM   336 O OP2   . A   C 1 3 ? -7.295  0.604   10.346  1.00 33.35 ? 903  A   C OP2   1 
ATOM   337 O "O5'" . A   C 1 3 ? -5.300  1.667   9.174   1.00 31.29 ? 903  A   C "O5'" 1 
ATOM   338 C "C5'" . A   C 1 3 ? -3.943  2.188   9.131   1.00 28.13 ? 903  A   C "C5'" 1 
ATOM   339 C "C4'" . A   C 1 3 ? -3.318  2.052   7.741   1.00 23.92 ? 903  A   C "C4'" 1 
ATOM   340 O "O4'" . A   C 1 3 ? -3.008  0.653   7.447   1.00 27.39 ? 903  A   C "O4'" 1 
ATOM   341 C "C3'" . A   C 1 3 ? -4.233  2.437   6.587   1.00 21.83 ? 903  A   C "C3'" 1 
ATOM   342 O "O3'" . A   C 1 3 ? -4.227  3.832   6.489   1.00 20.14 ? 903  A   C "O3'" 1 
ATOM   343 C "C2'" . A   C 1 3 ? -3.525  1.736   5.444   1.00 20.47 ? 903  A   C "C2'" 1 
ATOM   344 O "O2'" . A   C 1 3 ? -2.303  2.319   5.064   1.00 17.63 ? 903  A   C "O2'" 1 
ATOM   345 C "C1'" . A   C 1 3 ? -3.208  0.380   6.057   1.00 21.97 ? 903  A   C "C1'" 1 
ATOM   346 N N9    . A   C 1 3 ? -4.294  -0.583  5.823   1.00 22.36 ? 903  A   C N9    1 
ATOM   347 C C8    . A   C 1 3 ? -5.336  -0.885  6.655   1.00 22.14 ? 903  A   C C8    1 
ATOM   348 N N7    . A   C 1 3 ? -6.160  -1.769  6.154   1.00 22.69 ? 903  A   C N7    1 
ATOM   349 C C5    . A   C 1 3 ? -5.660  -2.073  4.906   1.00 20.07 ? 903  A   C C5    1 
ATOM   350 C C6    . A   C 1 3 ? -6.073  -2.937  3.862   1.00 21.25 ? 903  A   C C6    1 
ATOM   351 N N6    . A   C 1 3 ? -7.138  -3.727  3.889   1.00 19.84 ? 903  A   C N6    1 
ATOM   352 N N1    . A   C 1 3 ? -5.306  -2.976  2.736   1.00 21.54 ? 903  A   C N1    1 
ATOM   353 C C2    . A   C 1 3 ? -4.216  -2.195  2.626   1.00 22.38 ? 903  A   C C2    1 
ATOM   354 N N3    . A   C 1 3 ? -3.760  -1.350  3.543   1.00 23.12 ? 903  A   C N3    1 
ATOM   355 C C4    . A   C 1 3 ? -4.512  -1.335  4.669   1.00 22.63 ? 903  A   C C4    1 
ATOM   356 P P     . U   C 1 4 ? -5.397  4.718   5.909   1.00 25.01 ? 904  U   C P     1 
ATOM   357 O OP1   . U   C 1 4 ? -5.152  6.169   6.152   1.00 26.29 ? 904  U   C OP1   1 
ATOM   358 O OP2   . U   C 1 4 ? -6.736  4.160   6.122   1.00 26.37 ? 904  U   C OP2   1 
ATOM   359 O "O5'" . U   C 1 4 ? -5.127  4.586   4.290   1.00 20.62 ? 904  U   C "O5'" 1 
ATOM   360 C "C5'" . U   C 1 4 ? -3.918  5.063   3.689   1.00 16.95 ? 904  U   C "C5'" 1 
ATOM   361 C "C4'" . U   C 1 4 ? -3.862  4.551   2.253   1.00 14.64 ? 904  U   C "C4'" 1 
ATOM   362 O "O4'" . U   C 1 4 ? -3.684  3.136   2.281   1.00 14.60 ? 904  U   C "O4'" 1 
ATOM   363 C "C3'" . U   C 1 4 ? -5.141  4.721   1.464   1.00 15.76 ? 904  U   C "C3'" 1 
ATOM   364 O "O3'" . U   C 1 4 ? -5.294  6.009   0.880   1.00 17.70 ? 904  U   C "O3'" 1 
ATOM   365 C "C2'" . U   C 1 4 ? -4.843  3.722   0.361   1.00 17.71 ? 904  U   C "C2'" 1 
ATOM   366 O "O2'" . U   C 1 4 ? -3.864  4.214   -0.547  1.00 12.01 ? 904  U   C "O2'" 1 
ATOM   367 C "C1'" . U   C 1 4 ? -4.392  2.538   1.212   1.00 17.51 ? 904  U   C "C1'" 1 
ATOM   368 N N1    . U   C 1 4 ? -5.526  1.543   1.649   1.00 17.57 ? 904  U   C N1    1 
ATOM   369 C C2    . U   C 1 4 ? -5.917  0.536   0.751   1.00 20.24 ? 904  U   C C2    1 
ATOM   370 O O2    . U   C 1 4 ? -5.472  0.364   -0.388  1.00 19.13 ? 904  U   C O2    1 
ATOM   371 N N3    . U   C 1 4 ? -6.916  -0.320  1.161   1.00 18.86 ? 904  U   C N3    1 
ATOM   372 C C4    . U   C 1 4 ? -7.579  -0.350  2.344   1.00 20.97 ? 904  U   C C4    1 
ATOM   373 O O4    . U   C 1 4 ? -8.447  -1.249  2.484   1.00 20.10 ? 904  U   C O4    1 
ATOM   374 C C5    . U   C 1 4 ? -7.135  0.686   3.251   1.00 16.74 ? 904  U   C C5    1 
ATOM   375 C C6    . U   C 1 4 ? -6.161  1.572   2.886   1.00 18.26 ? 904  U   C C6    1 
ATOM   376 P P     . C   C 1 5 ? -6.729  6.627   0.588   1.00 20.32 ? 905  C   C P     1 
ATOM   377 O OP1   . C   C 1 5 ? -6.520  8.026   0.222   1.00 19.29 ? 905  C   C OP1   1 
ATOM   378 O OP2   . C   C 1 5 ? -7.639  6.245   1.700   1.00 22.65 ? 905  C   C OP2   1 
ATOM   379 O "O5'" . C   C 1 5 ? -7.196  5.770   -0.698  1.00 21.04 ? 905  C   C "O5'" 1 
ATOM   380 C "C5'" . C   C 1 5 ? -6.550  5.885   -1.979  1.00 19.58 ? 905  C   C "C5'" 1 
ATOM   381 C "C4'" . C   C 1 5 ? -7.010  4.703   -2.829  1.00 16.42 ? 905  C   C "C4'" 1 
ATOM   382 O "O4'" . C   C 1 5 ? -6.754  3.421   -2.157  1.00 15.55 ? 905  C   C "O4'" 1 
ATOM   383 C "C3'" . C   C 1 5 ? -8.520  4.716   -3.071  1.00 14.36 ? 905  C   C "C3'" 1 
ATOM   384 O "O3'" . C   C 1 5 ? -8.860  5.577   -4.134  1.00 15.80 ? 905  C   C "O3'" 1 
ATOM   385 C "C2'" . C   C 1 5 ? -8.702  3.278   -3.518  1.00 16.31 ? 905  C   C "C2'" 1 
ATOM   386 O "O2'" . C   C 1 5 ? -8.172  3.066   -4.834  1.00 19.39 ? 905  C   C "O2'" 1 
ATOM   387 C "C1'" . C   C 1 5 ? -7.850  2.547   -2.473  1.00 17.73 ? 905  C   C "C1'" 1 
ATOM   388 N N1    . C   C 1 5 ? -8.634  2.124   -1.219  1.00 15.19 ? 905  C   C N1    1 
ATOM   389 C C2    . C   C 1 5 ? -9.402  0.951   -1.287  1.00 15.94 ? 905  C   C C2    1 
ATOM   390 O O2    . C   C 1 5 ? -9.409  0.298   -2.324  1.00 15.81 ? 905  C   C O2    1 
ATOM   391 N N3    . C   C 1 5 ? -10.110 0.544   -0.224  1.00 13.49 ? 905  C   C N3    1 
ATOM   392 C C4    . C   C 1 5 ? -10.099 1.304   0.878   1.00 18.03 ? 905  C   C C4    1 
ATOM   393 N N4    . C   C 1 5 ? -10.794 0.864   1.950   1.00 16.66 ? 905  C   C N4    1 
ATOM   394 C C5    . C   C 1 5 ? -9.341  2.523   0.957   1.00 16.58 ? 905  C   C C5    1 
ATOM   395 C C6    . C   C 1 5 ? -8.655  2.903   -0.113  1.00 15.59 ? 905  C   C C6    1 
ATOM   396 P P     . C   C 1 6 ? -10.292 6.278   -4.162  1.00 17.90 ? 906  C   C P     1 
ATOM   397 O OP1   . C   C 1 6 ? -10.141 7.339   -5.144  1.00 17.31 ? 906  C   C OP1   1 
ATOM   398 O OP2   . C   C 1 6 ? -10.917 6.408   -2.814  1.00 20.29 ? 906  C   C OP2   1 
ATOM   399 O "O5'" . C   C 1 6 ? -11.203 5.171   -4.865  1.00 14.90 ? 906  C   C "O5'" 1 
ATOM   400 C "C5'" . C   C 1 6 ? -10.788 4.441   -6.087  1.00 13.48 ? 906  C   C "C5'" 1 
ATOM   401 C "C4'" . C   C 1 6 ? -11.885 3.399   -6.393  1.00 12.47 ? 906  C   C "C4'" 1 
ATOM   402 O "O4'" . C   C 1 6 ? -11.542 2.249   -5.615  1.00 15.90 ? 906  C   C "O4'" 1 
ATOM   403 C "C3'" . C   C 1 6 ? -13.278 3.745   -5.936  1.00 11.56 ? 906  C   C "C3'" 1 
ATOM   404 O "O3'" . C   C 1 6 ? -13.948 4.558   -6.876  1.00 17.49 ? 906  C   C "O3'" 1 
ATOM   405 C "C2'" . C   C 1 6 ? -13.867 2.340   -5.844  1.00 17.89 ? 906  C   C "C2'" 1 
ATOM   406 O "O2'" . C   C 1 6 ? -14.062 1.787   -7.149  1.00 17.34 ? 906  C   C "O2'" 1 
ATOM   407 C "C1'" . C   C 1 6 ? -12.729 1.624   -5.133  1.00 18.70 ? 906  C   C "C1'" 1 
ATOM   408 N N1    . C   C 1 6 ? -12.890 1.663   -3.669  1.00 22.44 ? 906  C   C N1    1 
ATOM   409 C C2    . C   C 1 6 ? -13.660 0.633   -3.110  1.00 23.98 ? 906  C   C C2    1 
ATOM   410 O O2    . C   C 1 6 ? -14.184 -0.256  -3.800  1.00 23.95 ? 906  C   C O2    1 
ATOM   411 N N3    . C   C 1 6 ? -13.850 0.621   -1.784  1.00 26.26 ? 906  C   C N3    1 
ATOM   412 C C4    . C   C 1 6 ? -13.338 1.542   -0.994  1.00 23.07 ? 906  C   C C4    1 
ATOM   413 N N4    . C   C 1 6 ? -13.636 1.334   0.305   1.00 25.26 ? 906  C   C N4    1 
ATOM   414 C C5    . C   C 1 6 ? -12.542 2.602   -1.481  1.00 18.62 ? 906  C   C C5    1 
ATOM   415 C C6    . C   C 1 6 ? -12.340 2.613   -2.824  1.00 21.88 ? 906  C   C C6    1 
ATOM   416 P P     . G   C 1 7 ? -15.191 5.516   -6.528  1.00 20.93 ? 907  G   C P     1 
ATOM   417 O OP1   . G   C 1 7 ? -15.530 6.302   -7.703  1.00 21.93 ? 907  G   C OP1   1 
ATOM   418 O OP2   . G   C 1 7 ? -14.892 6.233   -5.288  1.00 21.98 ? 907  G   C OP2   1 
ATOM   419 O "O5'" . G   C 1 7 ? -16.487 4.585   -6.220  1.00 20.22 ? 907  G   C "O5'" 1 
ATOM   420 C "C5'" . G   C 1 7 ? -16.983 3.738   -7.261  1.00 23.09 ? 907  G   C "C5'" 1 
ATOM   421 C "C4'" . G   C 1 7 ? -17.959 2.745   -6.614  1.00 26.43 ? 907  G   C "C4'" 1 
ATOM   422 O "O4'" . G   C 1 7 ? -17.201 1.827   -5.781  1.00 24.10 ? 907  G   C "O4'" 1 
ATOM   423 C "C3'" . G   C 1 7 ? -18.973 3.382   -5.667  1.00 27.08 ? 907  G   C "C3'" 1 
ATOM   424 O "O3'" . G   C 1 7 ? -20.057 3.974   -6.370  1.00 29.43 ? 907  G   C "O3'" 1 
ATOM   425 C "C2'" . G   C 1 7 ? -19.343 2.146   -4.852  1.00 29.90 ? 907  G   C "C2'" 1 
ATOM   426 O "O2'" . G   C 1 7 ? -20.164 1.259   -5.588  1.00 33.15 ? 907  G   C "O2'" 1 
ATOM   427 C "C1'" . G   C 1 7 ? -17.961 1.532   -4.626  1.00 31.70 ? 907  G   C "C1'" 1 
ATOM   428 N N9    . G   C 1 7 ? -17.314 2.094   -3.451  1.00 33.08 ? 907  G   C N9    1 
ATOM   429 C C8    . G   C 1 7 ? -16.394 3.116   -3.420  1.00 32.47 ? 907  G   C C8    1 
ATOM   430 N N7    . G   C 1 7 ? -16.019 3.430   -2.231  1.00 32.49 ? 907  G   C N7    1 
ATOM   431 C C5    . G   C 1 7 ? -16.741 2.574   -1.411  1.00 33.11 ? 907  G   C C5    1 
ATOM   432 C C6    . G   C 1 7 ? -16.739 2.467   -0.011  1.00 35.38 ? 907  G   C C6    1 
ATOM   433 O O6    . G   C 1 7 ? -16.039 3.145   0.748   1.00 35.64 ? 907  G   C O6    1 
ATOM   434 N N1    . G   C 1 7 ? -17.620 1.493   0.509   1.00 35.61 ? 907  G   C N1    1 
ATOM   435 C C2    . G   C 1 7 ? -18.422 0.692   -0.300  1.00 36.15 ? 907  G   C C2    1 
ATOM   436 N N2    . G   C 1 7 ? -19.226 -0.222  0.359   1.00 32.78 ? 907  G   C N2    1 
ATOM   437 N N3    . G   C 1 7 ? -18.402 0.791   -1.669  1.00 35.12 ? 907  G   C N3    1 
ATOM   438 C C4    . G   C 1 7 ? -17.558 1.745   -2.133  1.00 34.23 ? 907  G   C C4    1 
ATOM   439 O "O5'" . C   D 2 1 ? -19.171 -2.785  8.156   1.00 40.05 ? 966  C   D "O5'" 1 
ATOM   440 C "C5'" . C   D 2 1 ? -20.508 -3.300  8.137   1.00 34.12 ? 966  C   D "C5'" 1 
ATOM   441 C "C4'" . C   D 2 1 ? -21.036 -3.511  6.730   1.00 32.88 ? 966  C   D "C4'" 1 
ATOM   442 O "O4'" . C   D 2 1 ? -21.441 -2.233  6.205   1.00 30.78 ? 966  C   D "O4'" 1 
ATOM   443 C "C3'" . C   D 2 1 ? -20.067 -4.087  5.704   1.00 33.23 ? 966  C   D "C3'" 1 
ATOM   444 O "O3'" . C   D 2 1 ? -20.048 -5.510  5.744   1.00 35.86 ? 966  C   D "O3'" 1 
ATOM   445 C "C2'" . C   D 2 1 ? -20.700 -3.591  4.428   1.00 31.73 ? 966  C   D "C2'" 1 
ATOM   446 O "O2'" . C   D 2 1 ? -21.826 -4.339  4.068   1.00 32.07 ? 966  C   D "O2'" 1 
ATOM   447 C "C1'" . C   D 2 1 ? -21.134 -2.182  4.820   1.00 33.24 ? 966  C   D "C1'" 1 
ATOM   448 N N1    . C   D 2 1 ? -20.038 -1.160  4.493   1.00 34.12 ? 966  C   D N1    1 
ATOM   449 C C2    . C   D 2 1 ? -19.771 -0.820  3.153   1.00 33.15 ? 966  C   D C2    1 
ATOM   450 O O2    . C   D 2 1 ? -20.389 -1.301  2.188   1.00 33.67 ? 966  C   D O2    1 
ATOM   451 N N3    . C   D 2 1 ? -18.795 0.060   2.888   1.00 35.20 ? 966  C   D N3    1 
ATOM   452 C C4    . C   D 2 1 ? -18.071 0.598   3.842   1.00 34.40 ? 966  C   D C4    1 
ATOM   453 N N4    . C   D 2 1 ? -17.127 1.459   3.415   1.00 36.58 ? 966  C   D N4    1 
ATOM   454 C C5    . C   D 2 1 ? -18.293 0.281   5.219   1.00 35.48 ? 966  C   D C5    1 
ATOM   455 C C6    . C   D 2 1 ? -19.279 -0.593  5.497   1.00 34.13 ? 966  C   D C6    1 
ATOM   456 P P     . G   D 2 2 ? -18.697 -6.343  5.468   1.00 36.00 ? 967  G   D P     1 
ATOM   457 O OP1   . G   D 2 2 ? -18.798 -7.758  5.877   1.00 39.86 ? 967  G   D OP1   1 
ATOM   458 O OP2   . G   D 2 2 ? -17.631 -5.512  6.109   1.00 36.09 ? 967  G   D OP2   1 
ATOM   459 O "O5'" . G   D 2 2 ? -18.666 -6.458  3.882   1.00 35.27 ? 967  G   D "O5'" 1 
ATOM   460 C "C5'" . G   D 2 2 ? -19.718 -7.103  3.202   1.00 33.14 ? 967  G   D "C5'" 1 
ATOM   461 C "C4'" . G   D 2 2 ? -19.662 -6.788  1.719   1.00 33.54 ? 967  G   D "C4'" 1 
ATOM   462 O "O4'" . G   D 2 2 ? -19.922 -5.377  1.509   1.00 32.11 ? 967  G   D "O4'" 1 
ATOM   463 C "C3'" . G   D 2 2 ? -18.291 -7.017  1.070   1.00 32.74 ? 967  G   D "C3'" 1 
ATOM   464 O "O3'" . G   D 2 2 ? -18.040 -8.369  0.702   1.00 32.04 ? 967  G   D "O3'" 1 
ATOM   465 C "C2'" . G   D 2 2 ? -18.328 -6.079  -0.139  1.00 33.56 ? 967  G   D "C2'" 1 
ATOM   466 O "O2'" . G   D 2 2 ? -19.167 -6.488  -1.201  1.00 32.62 ? 967  G   D "O2'" 1 
ATOM   467 C "C1'" . G   D 2 2 ? -18.955 -4.870  0.543   1.00 34.59 ? 967  G   D "C1'" 1 
ATOM   468 N N9    . G   D 2 2 ? -17.990 -3.880  1.095   1.00 32.97 ? 967  G   D N9    1 
ATOM   469 C C8    . G   D 2 2 ? -17.671 -3.639  2.429   1.00 33.43 ? 967  G   D C8    1 
ATOM   470 N N7    . G   D 2 2 ? -16.798 -2.685  2.631   1.00 32.13 ? 967  G   D N7    1 
ATOM   471 C C5    . G   D 2 2 ? -16.506 -2.260  1.332   1.00 33.31 ? 967  G   D C5    1 
ATOM   472 C C6    . G   D 2 2 ? -15.615 -1.254  0.894   1.00 34.09 ? 967  G   D C6    1 
ATOM   473 O O6    . G   D 2 2 ? -14.942 -0.545  1.642   1.00 34.08 ? 967  G   D O6    1 
ATOM   474 N N1    . G   D 2 2 ? -15.552 -1.102  -0.531  1.00 35.03 ? 967  G   D N1    1 
ATOM   475 C C2    . G   D 2 2 ? -16.313 -1.879  -1.414  1.00 35.80 ? 967  G   D C2    1 
ATOM   476 N N2    . G   D 2 2 ? -16.144 -1.631  -2.750  1.00 33.03 ? 967  G   D N2    1 
ATOM   477 N N3    . G   D 2 2 ? -17.169 -2.849  -0.982  1.00 32.00 ? 967  G   D N3    1 
ATOM   478 C C4    . G   D 2 2 ? -17.214 -2.986  0.373   1.00 32.42 ? 967  G   D C4    1 
ATOM   479 P P     . G   D 2 3 ? -16.550 -8.958  0.899   1.00 33.44 ? 968  G   D P     1 
ATOM   480 O OP1   . G   D 2 3 ? -16.546 -10.455 0.731   1.00 34.14 ? 968  G   D OP1   1 
ATOM   481 O OP2   . G   D 2 3 ? -15.949 -8.416  2.119   1.00 33.63 ? 968  G   D OP2   1 
ATOM   482 O "O5'" . G   D 2 3 ? -15.790 -8.289  -0.365  1.00 31.36 ? 968  G   D "O5'" 1 
ATOM   483 C "C5'" . G   D 2 3 ? -16.272 -8.473  -1.745  1.00 29.34 ? 968  G   D "C5'" 1 
ATOM   484 C "C4'" . G   D 2 3 ? -15.467 -7.514  -2.578  1.00 26.49 ? 968  G   D "C4'" 1 
ATOM   485 O "O4'" . G   D 2 3 ? -15.671 -6.226  -1.952  1.00 28.70 ? 968  G   D "O4'" 1 
ATOM   486 C "C3'" . G   D 2 3 ? -13.947 -7.618  -2.416  1.00 23.87 ? 968  G   D "C3'" 1 
ATOM   487 O "O3'" . G   D 2 3 ? -13.418 -8.688  -3.185  1.00 21.21 ? 968  G   D "O3'" 1 
ATOM   488 C "C2'" . G   D 2 3 ? -13.506 -6.279  -2.955  1.00 23.76 ? 968  G   D "C2'" 1 
ATOM   489 O "O2'" . G   D 2 3 ? -13.668 -6.211  -4.363  1.00 21.19 ? 968  G   D "O2'" 1 
ATOM   490 C "C1'" . G   D 2 3 ? -14.547 -5.406  -2.260  1.00 23.43 ? 968  G   D "C1'" 1 
ATOM   491 N N9    . G   D 2 3 ? -14.078 -4.767  -1.023  1.00 23.37 ? 968  G   D N9    1 
ATOM   492 C C8    . G   D 2 3 ? -14.358 -5.117  0.274   1.00 23.43 ? 968  G   D C8    1 
ATOM   493 N N7    . G   D 2 3 ? -13.781 -4.325  1.152   1.00 23.27 ? 968  G   D N7    1 
ATOM   494 C C5    . G   D 2 3 ? -13.053 -3.404  0.374   1.00 21.55 ? 968  G   D C5    1 
ATOM   495 C C6    . G   D 2 3 ? -12.244 -2.291  0.716   1.00 20.26 ? 968  G   D C6    1 
ATOM   496 O O6    . G   D 2 3 ? -11.923 -1.835  1.829   1.00 21.36 ? 968  G   D O6    1 
ATOM   497 N N1    . G   D 2 3 ? -11.762 -1.636  -0.410  1.00 20.61 ? 968  G   D N1    1 
ATOM   498 C C2    . G   D 2 3 ? -11.994 -2.019  -1.706  1.00 22.43 ? 968  G   D C2    1 
ATOM   499 N N2    . G   D 2 3 ? -11.446 -1.304  -2.704  1.00 24.54 ? 968  G   D N2    1 
ATOM   500 N N3    . G   D 2 3 ? -12.749 -3.034  -2.035  1.00 23.41 ? 968  G   D N3    1 
ATOM   501 C C4    . G   D 2 3 ? -13.254 -3.670  -0.951  1.00 22.27 ? 968  G   D C4    1 
ATOM   502 P P     . A   D 2 4 ? -12.078 -9.483  -2.800  1.00 24.40 ? 969  A   D P     1 
ATOM   503 O OP1   . A   D 2 4 ? -12.061 -10.717 -3.637  1.00 26.08 ? 969  A   D OP1   1 
ATOM   504 O OP2   . A   D 2 4 ? -11.799 -9.530  -1.350  1.00 25.32 ? 969  A   D OP2   1 
ATOM   505 O "O5'" . A   D 2 4 ? -10.933 -8.515  -3.431  1.00 20.72 ? 969  A   D "O5'" 1 
ATOM   506 C "C5'" . A   D 2 4 ? -10.951 -8.328  -4.834  1.00 20.15 ? 969  A   D "C5'" 1 
ATOM   507 C "C4'" . A   D 2 4 ? -9.986  -7.234  -5.277  1.00 17.00 ? 969  A   D "C4'" 1 
ATOM   508 O "O4'" . A   D 2 4 ? -10.476 -5.975  -4.780  1.00 17.84 ? 969  A   D "O4'" 1 
ATOM   509 C "C3'" . A   D 2 4 ? -8.606  -7.326  -4.691  1.00 15.33 ? 969  A   D "C3'" 1 
ATOM   510 O "O3'" . A   D 2 4 ? -7.830  -8.283  -5.350  1.00 16.26 ? 969  A   D "O3'" 1 
ATOM   511 C "C2'" . A   D 2 4 ? -8.123  -5.888  -4.894  1.00 15.00 ? 969  A   D "C2'" 1 
ATOM   512 O "O2'" . A   D 2 4 ? -7.811  -5.601  -6.239  1.00 15.37 ? 969  A   D "O2'" 1 
ATOM   513 C "C1'" . A   D 2 4 ? -9.366  -5.122  -4.474  1.00 21.27 ? 969  A   D "C1'" 1 
ATOM   514 N N9    . A   D 2 4 ? -9.458  -4.919  -3.028  1.00 21.46 ? 969  A   D N9    1 
ATOM   515 C C8    . A   D 2 4 ? -10.159 -5.683  -2.114  1.00 21.69 ? 969  A   D C8    1 
ATOM   516 N N7    . A   D 2 4 ? -10.083 -5.262  -0.868  1.00 23.50 ? 969  A   D N7    1 
ATOM   517 C C5    . A   D 2 4 ? -9.262  -4.134  -1.013  1.00 23.67 ? 969  A   D C5    1 
ATOM   518 C C6    . A   D 2 4 ? -8.828  -3.247  -0.056  1.00 26.29 ? 969  A   D C6    1 
ATOM   519 N N6    . A   D 2 4 ? -9.221  -3.485  1.221   1.00 22.32 ? 969  A   D N6    1 
ATOM   520 N N1    . A   D 2 4 ? -7.985  -2.204  -0.474  1.00 25.49 ? 969  A   D N1    1 
ATOM   521 C C2    . A   D 2 4 ? -7.715  -2.128  -1.812  1.00 26.41 ? 969  A   D C2    1 
ATOM   522 N N3    . A   D 2 4 ? -8.108  -2.929  -2.848  1.00 20.77 ? 969  A   D N3    1 
ATOM   523 C C4    . A   D 2 4 ? -8.875  -3.900  -2.334  1.00 21.72 ? 969  A   D C4    1 
ATOM   524 P P     . U   D 2 5 ? -6.557  -8.985  -4.639  1.00 21.54 ? 970  U   D P     1 
ATOM   525 O OP1   . U   D 2 5 ? -5.963  -9.992  -5.554  1.00 21.23 ? 970  U   D OP1   1 
ATOM   526 O OP2   . U   D 2 5 ? -7.132  -9.484  -3.367  1.00 19.99 ? 970  U   D OP2   1 
ATOM   527 O "O5'" . U   D 2 5 ? -5.478  -7.833  -4.367  1.00 22.79 ? 970  U   D "O5'" 1 
ATOM   528 C "C5'" . U   D 2 5 ? -4.909  -7.045  -5.400  1.00 21.16 ? 970  U   D "C5'" 1 
ATOM   529 C "C4'" . U   D 2 5 ? -4.225  -5.816  -4.829  1.00 17.34 ? 970  U   D "C4'" 1 
ATOM   530 O "O4'" . U   D 2 5 ? -5.203  -4.988  -4.166  1.00 15.04 ? 970  U   D "O4'" 1 
ATOM   531 C "C3'" . U   D 2 5 ? -3.234  -6.145  -3.739  1.00 18.12 ? 970  U   D "C3'" 1 
ATOM   532 O "O3'" . U   D 2 5 ? -1.974  -6.497  -4.262  1.00 16.99 ? 970  U   D "O3'" 1 
ATOM   533 C "C2'" . U   D 2 5 ? -3.133  -4.789  -3.043  1.00 18.46 ? 970  U   D "C2'" 1 
ATOM   534 O "O2'" . U   D 2 5 ? -2.365  -3.847  -3.784  1.00 18.96 ? 970  U   D "O2'" 1 
ATOM   535 C "C1'" . U   D 2 5 ? -4.607  -4.402  -3.002  1.00 17.69 ? 970  U   D "C1'" 1 
ATOM   536 N N1    . U   D 2 5 ? -5.328  -4.860  -1.730  1.00 17.44 ? 970  U   D N1    1 
ATOM   537 C C2    . U   D 2 5 ? -5.204  -4.033  -0.629  1.00 19.02 ? 970  U   D C2    1 
ATOM   538 O O2    . U   D 2 5 ? -4.562  -3.006  -0.722  1.00 17.78 ? 970  U   D O2    1 
ATOM   539 N N3    . U   D 2 5 ? -5.887  -4.431  0.517   1.00 15.11 ? 970  U   D N3    1 
ATOM   540 C C4    . U   D 2 5 ? -6.629  -5.602  0.647   1.00 19.03 ? 970  U   D C4    1 
ATOM   541 O O4    . U   D 2 5 ? -7.212  -5.858  1.727   1.00 17.68 ? 970  U   D O4    1 
ATOM   542 C C5    . U   D 2 5 ? -6.701  -6.427  -0.565  1.00 17.33 ? 970  U   D C5    1 
ATOM   543 C C6    . U   D 2 5 ? -6.046  -6.034  -1.655  1.00 18.04 ? 970  U   D C6    1 
ATOM   544 P P     . G   D 2 6 ? -0.971  -7.367  -3.412  1.00 22.49 ? 971  G   D P     1 
ATOM   545 O OP1   . G   D 2 6 ? 0.096   -7.812  -4.308  1.00 23.79 ? 971  G   D OP1   1 
ATOM   546 O OP2   . G   D 2 6 ? -1.703  -8.322  -2.585  1.00 24.00 ? 971  G   D OP2   1 
ATOM   547 O "O5'" . G   D 2 6 ? -0.291  -6.347  -2.375  1.00 20.75 ? 971  G   D "O5'" 1 
ATOM   548 C "C5'" . G   D 2 6 ? 0.422   -5.162  -2.834  1.00 17.44 ? 971  G   D "C5'" 1 
ATOM   549 C "C4'" . G   D 2 6 ? 0.909   -4.396  -1.587  1.00 16.41 ? 971  G   D "C4'" 1 
ATOM   550 O "O4'" . G   D 2 6 ? -0.206  -3.680  -1.017  1.00 18.49 ? 971  G   D "O4'" 1 
ATOM   551 C "C3'" . G   D 2 6 ? 1.407   -5.246  -0.456  1.00 16.21 ? 971  G   D "C3'" 1 
ATOM   552 O "O3'" . G   D 2 6 ? 2.756   -5.695  -0.649  1.00 18.45 ? 971  G   D "O3'" 1 
ATOM   553 C "C2'" . G   D 2 6 ? 1.254   -4.260  0.705   1.00 19.65 ? 971  G   D "C2'" 1 
ATOM   554 O "O2'" . G   D 2 6 ? 2.233   -3.249  0.677   1.00 16.09 ? 971  G   D "O2'" 1 
ATOM   555 C "C1'" . G   D 2 6 ? -0.107  -3.669  0.392   1.00 21.61 ? 971  G   D "C1'" 1 
ATOM   556 N N9    . G   D 2 6 ? -1.177  -4.481  0.932   1.00 22.37 ? 971  G   D N9    1 
ATOM   557 C C8    . G   D 2 6 ? -1.927  -5.466  0.310   1.00 22.30 ? 971  G   D C8    1 
ATOM   558 N N7    . G   D 2 6 ? -2.836  -6.026  1.074   1.00 22.47 ? 971  G   D N7    1 
ATOM   559 C C5    . G   D 2 6 ? -2.634  -5.321  2.288   1.00 23.20 ? 971  G   D C5    1 
ATOM   560 C C6    . G   D 2 6 ? -3.321  -5.460  3.503   1.00 25.07 ? 971  G   D C6    1 
ATOM   561 O O6    . G   D 2 6 ? -4.262  -6.287  3.654   1.00 25.79 ? 971  G   D O6    1 
ATOM   562 N N1    . G   D 2 6 ? -2.825  -4.589  4.538   1.00 24.50 ? 971  G   D N1    1 
ATOM   563 C C2    . G   D 2 6 ? -1.775  -3.669  4.359   1.00 25.73 ? 971  G   D C2    1 
ATOM   564 N N2    . G   D 2 6 ? -1.407  -2.893  5.430   1.00 22.34 ? 971  G   D N2    1 
ATOM   565 N N3    . G   D 2 6 ? -1.141  -3.510  3.163   1.00 22.45 ? 971  G   D N3    1 
ATOM   566 C C4    . G   D 2 6 ? -1.627  -4.376  2.217   1.00 22.92 ? 971  G   D C4    1 
ATOM   567 P P     . C   D 2 7 ? 3.272   -7.029  0.020   1.00 22.81 ? 972  C   D P     1 
ATOM   568 O OP1   . C   D 2 7 ? 4.586   -7.401  -0.518  1.00 19.94 ? 972  C   D OP1   1 
ATOM   569 O OP2   . C   D 2 7 ? 2.215   -8.041  -0.045  1.00 24.37 ? 972  C   D OP2   1 
ATOM   570 O "O5'" . C   D 2 7 ? 3.400   -6.689  1.603   1.00 23.11 ? 972  C   D "O5'" 1 
ATOM   571 C "C5'" . C   D 2 7 ? 4.189   -5.568  2.019   1.00 26.42 ? 972  C   D "C5'" 1 
ATOM   572 C "C4'" . C   D 2 7 ? 3.945   -5.380  3.506   1.00 24.62 ? 972  C   D "C4'" 1 
ATOM   573 O "O4'" . C   D 2 7 ? 2.605   -4.841  3.706   1.00 24.30 ? 972  C   D "O4'" 1 
ATOM   574 C "C3'" . C   D 2 7 ? 3.903   -6.702  4.254   1.00 25.71 ? 972  C   D "C3'" 1 
ATOM   575 O "O3'" . C   D 2 7 ? 5.207   -7.264  4.543   1.00 28.21 ? 972  C   D "O3'" 1 
ATOM   576 C "C2'" . C   D 2 7 ? 3.164   -6.249  5.510   1.00 26.23 ? 972  C   D "C2'" 1 
ATOM   577 O "O2'" . C   D 2 7 ? 4.011   -5.522  6.380   1.00 26.54 ? 972  C   D "O2'" 1 
ATOM   578 C "C1'" . C   D 2 7 ? 2.051   -5.388  4.908   1.00 25.55 ? 972  C   D "C1'" 1 
ATOM   579 N N1    . C   D 2 7 ? 0.796   -6.248  4.757   1.00 28.11 ? 972  C   D N1    1 
ATOM   580 C C2    . C   D 2 7 ? -0.019  -6.430  5.900   1.00 28.37 ? 972  C   D C2    1 
ATOM   581 O O2    . C   D 2 7 ? 0.227   -5.881  6.991   1.00 29.68 ? 972  C   D O2    1 
ATOM   582 N N3    . C   D 2 7 ? -1.121  -7.197  5.831   1.00 28.69 ? 972  C   D N3    1 
ATOM   583 C C4    . C   D 2 7 ? -1.405  -7.798  4.710   1.00 27.21 ? 972  C   D C4    1 
ATOM   584 N N4    . C   D 2 7 ? -2.516  -8.529  4.810   1.00 29.49 ? 972  C   D N4    1 
ATOM   585 C C5    . C   D 2 7 ? -0.607  -7.689  3.534   1.00 26.13 ? 972  C   D C5    1 
ATOM   586 C C6    . C   D 2 7 ? 0.481   -6.910  3.595   1.00 26.57 ? 972  C   D C6    1 
HETATM 587 C C1    . GOL E 3 . ? 1.726   0.291   4.059   1.00 39.43 ? 1973 GOL B C1    1 
HETATM 588 O O1    . GOL E 3 . ? 0.455   -0.033  4.634   1.00 40.14 ? 1973 GOL B O1    1 
HETATM 589 C C2    . GOL E 3 . ? 2.339   -0.876  3.270   1.00 39.86 ? 1973 GOL B C2    1 
HETATM 590 O O2    . GOL E 3 . ? 1.321   -1.775  2.818   1.00 36.89 ? 1973 GOL B O2    1 
HETATM 591 C C3    . GOL E 3 . ? 3.145   -0.360  2.072   1.00 39.78 ? 1973 GOL B C3    1 
HETATM 592 O O3    . GOL E 3 . ? 4.389   0.174   2.436   1.00 43.21 ? 1973 GOL B O3    1 
HETATM 593 O O     . HOH F 4 . ? 17.710  1.976   8.603   1.00 48.43 ? 2001 HOH A O     1 
HETATM 594 O O     . HOH F 4 . ? 19.660  1.568   0.500   1.00 41.26 ? 2002 HOH A O     1 
HETATM 595 O O     . HOH F 4 . ? 13.471  15.324  -3.498  1.00 25.62 ? 2003 HOH A O     1 
HETATM 596 O O     . HOH F 4 . ? 16.573  14.224  -3.327  1.00 38.88 ? 2004 HOH A O     1 
HETATM 597 O O     . HOH F 4 . ? 9.620   8.279   -6.477  1.00 42.52 ? 2005 HOH A O     1 
HETATM 598 O O     . HOH F 4 . ? 11.627  12.471  1.707   1.00 40.17 ? 2006 HOH A O     1 
HETATM 599 O O     . HOH F 4 . ? 18.454  7.177   -8.880  1.00 50.77 ? 2007 HOH A O     1 
HETATM 600 O O     . HOH F 4 . ? 13.606  7.014   -4.017  1.00 42.91 ? 2008 HOH A O     1 
HETATM 601 O O     . HOH F 4 . ? 18.927  10.864  0.706   1.00 41.94 ? 2009 HOH A O     1 
HETATM 602 O O     . HOH F 4 . ? 18.355  5.442   0.853   1.00 32.82 ? 2010 HOH A O     1 
HETATM 603 O O     . HOH F 4 . ? 11.130  1.162   8.418   1.00 21.24 ? 2011 HOH A O     1 
HETATM 604 O O     . HOH F 4 . ? 7.296   1.546   4.682   1.00 25.31 ? 2012 HOH A O     1 
HETATM 605 O O     . HOH F 4 . ? 14.467  4.894   -0.246  1.00 26.17 ? 2013 HOH A O     1 
HETATM 606 O O     . HOH F 4 . ? 15.339  0.899   8.452   1.00 25.68 ? 2014 HOH A O     1 
HETATM 607 O O     . HOH F 4 . ? 13.388  0.442   -0.942  1.00 39.64 ? 2015 HOH A O     1 
HETATM 608 O O     . HOH F 4 . ? 7.648   -5.265  7.163   1.00 26.92 ? 2016 HOH A O     1 
HETATM 609 O O     . HOH F 4 . ? 14.757  1.520   1.580   1.00 24.00 ? 2017 HOH A O     1 
HETATM 610 O O     . HOH F 4 . ? 13.223  -8.502  6.000   1.00 36.90 ? 2018 HOH A O     1 
HETATM 611 O O     . HOH F 4 . ? 5.838   -10.258 2.376   1.00 20.23 ? 2019 HOH A O     1 
HETATM 612 O O     . HOH F 4 . ? 13.495  -2.869  2.270   1.00 43.61 ? 2020 HOH A O     1 
HETATM 613 O O     . HOH F 4 . ? 9.547   -8.341  7.031   1.00 31.24 ? 2021 HOH A O     1 
HETATM 614 O O     . HOH F 4 . ? 15.344  -4.885  -2.717  1.00 39.10 ? 2022 HOH A O     1 
HETATM 615 O O     . HOH F 4 . ? 11.741  -10.596 4.767   1.00 44.92 ? 2023 HOH A O     1 
HETATM 616 O O     . HOH F 4 . ? 7.114   -12.460 2.774   1.00 45.08 ? 2024 HOH A O     1 
HETATM 617 O O     . HOH G 4 . ? 15.186  -2.128  -4.320  1.00 43.11 ? 2001 HOH B O     1 
HETATM 618 O O     . HOH G 4 . ? 10.546  -3.861  -16.039 1.00 47.79 ? 2002 HOH B O     1 
HETATM 619 O O     . HOH G 4 . ? 6.320   -7.180  -6.882  1.00 44.69 ? 2003 HOH B O     1 
HETATM 620 O O     . HOH G 4 . ? 5.007   1.167   -7.422  1.00 26.61 ? 2004 HOH B O     1 
HETATM 621 O O     . HOH G 4 . ? 1.854   0.947   -10.954 1.00 48.94 ? 2005 HOH B O     1 
HETATM 622 O O     . HOH G 4 . ? 2.038   -6.261  -8.831  1.00 43.30 ? 2006 HOH B O     1 
HETATM 623 O O     . HOH G 4 . ? 0.532   -3.801  -9.738  1.00 53.41 ? 2007 HOH B O     1 
HETATM 624 O O     . HOH G 4 . ? 2.291   2.972   -5.313  1.00 32.48 ? 2008 HOH B O     1 
HETATM 625 O O     . HOH G 4 . ? -1.604  -0.570  0.330   1.00 21.12 ? 2009 HOH B O     1 
HETATM 626 O O     . HOH G 4 . ? 7.554   2.395   -6.287  1.00 31.33 ? 2010 HOH B O     1 
HETATM 627 O O     . HOH G 4 . ? -0.380  4.327   5.716   1.00 23.52 ? 2011 HOH B O     1 
HETATM 628 O O     . HOH G 4 . ? -3.464  4.805   -4.272  1.00 40.31 ? 2012 HOH B O     1 
HETATM 629 O O     . HOH G 4 . ? 4.763   4.831   -5.141  1.00 40.09 ? 2013 HOH B O     1 
HETATM 630 O O     . HOH G 4 . ? 2.976   10.361  7.762   1.00 21.58 ? 2014 HOH B O     1 
HETATM 631 O O     . HOH G 4 . ? 1.511   6.389   -1.563  1.00 37.63 ? 2015 HOH B O     1 
HETATM 632 O O     . HOH G 4 . ? -2.579  6.695   -0.852  1.00 17.51 ? 2016 HOH B O     1 
HETATM 633 O O     . HOH G 4 . ? -1.969  7.115   6.042   1.00 31.97 ? 2017 HOH B O     1 
HETATM 634 O O     . HOH G 4 . ? -3.826  9.152   2.221   1.00 35.96 ? 2018 HOH B O     1 
HETATM 635 O O     . HOH G 4 . ? 0.343   9.721   -0.267  1.00 38.68 ? 2019 HOH B O     1 
HETATM 636 O O     . HOH G 4 . ? 2.196   16.762  3.206   1.00 46.24 ? 2020 HOH B O     1 
HETATM 637 O O     . HOH G 4 . ? 8.324   13.336  5.671   1.00 59.98 ? 2021 HOH B O     1 
HETATM 638 O O     . HOH G 4 . ? 6.210   16.379  6.736   1.00 46.33 ? 2022 HOH B O     1 
HETATM 639 O O     . HOH G 4 . ? -1.468  0.705   3.249   1.00 23.36 ? 2023 HOH B O     1 
HETATM 640 O O     . HOH H 4 . ? -13.967 -1.417  5.322   1.00 44.35 ? 2001 HOH C O     1 
HETATM 641 O O     . HOH H 4 . ? -11.180 4.312   3.499   1.00 29.79 ? 2002 HOH C O     1 
HETATM 642 O O     . HOH H 4 . ? -7.600  -9.611  7.588   1.00 51.93 ? 2003 HOH C O     1 
HETATM 643 O O     . HOH H 4 . ? -5.685  -4.341  16.410  1.00 36.57 ? 2004 HOH C O     1 
HETATM 644 O O     . HOH H 4 . ? -0.109  -3.971  11.138  1.00 43.86 ? 2005 HOH C O     1 
HETATM 645 O O     . HOH H 4 . ? -11.141 -2.456  10.259  1.00 51.65 ? 2006 HOH C O     1 
HETATM 646 O O     . HOH H 4 . ? 0.024   1.445   9.799   1.00 56.14 ? 2007 HOH C O     1 
HETATM 647 O O     . HOH H 4 . ? -8.608  -6.580  7.250   1.00 46.23 ? 2008 HOH C O     1 
HETATM 648 O O     . HOH H 4 . ? -9.466  -0.075  12.025  1.00 56.37 ? 2009 HOH C O     1 
HETATM 649 O O     . HOH H 4 . ? -8.332  -3.194  6.948   1.00 40.13 ? 2010 HOH C O     1 
HETATM 650 O O     . HOH H 4 . ? -9.471  -5.333  4.965   1.00 43.58 ? 2011 HOH C O     1 
HETATM 651 O O     . HOH H 4 . ? -5.532  5.560   10.500  1.00 56.61 ? 2012 HOH C O     1 
HETATM 652 O O     . HOH H 4 . ? -10.491 -1.431  4.892   1.00 42.53 ? 2013 HOH C O     1 
HETATM 653 O O     . HOH H 4 . ? -10.514 2.132   4.329   1.00 31.53 ? 2014 HOH C O     1 
HETATM 654 O O     . HOH H 4 . ? -8.276  4.590   3.806   1.00 29.90 ? 2015 HOH C O     1 
HETATM 655 O O     . HOH H 4 . ? -4.050  9.249   -0.996  1.00 44.19 ? 2016 HOH C O     1 
HETATM 656 O O     . HOH H 4 . ? -6.940  4.450   -6.644  1.00 23.97 ? 2017 HOH C O     1 
HETATM 657 O O     . HOH H 4 . ? -8.951  0.319   -5.022  1.00 24.86 ? 2018 HOH C O     1 
HETATM 658 O O     . HOH H 4 . ? -13.468 6.126   -2.739  1.00 18.00 ? 2019 HOH C O     1 
HETATM 659 O O     . HOH H 4 . ? -14.562 3.065   -9.586  1.00 42.96 ? 2020 HOH C O     1 
HETATM 660 O O     . HOH H 4 . ? -11.164 4.857   -0.083  1.00 51.79 ? 2021 HOH C O     1 
HETATM 661 O O     . HOH H 4 . ? -13.180 6.896   -9.390  1.00 23.26 ? 2022 HOH C O     1 
HETATM 662 O O     . HOH H 4 . ? -16.443 8.150   -4.420  1.00 34.77 ? 2023 HOH C O     1 
HETATM 663 O O     . HOH I 4 . ? 5.299   -12.790 -1.372  1.00 47.71 ? 2001 HOH D O     1 
HETATM 664 O O     . HOH I 4 . ? -22.812 -2.887  1.784   1.00 46.38 ? 2002 HOH D O     1 
HETATM 665 O O     . HOH I 4 . ? -16.228 -9.172  5.399   1.00 33.89 ? 2003 HOH D O     1 
HETATM 666 O O     . HOH I 4 . ? -13.494 -4.207  3.638   1.00 32.27 ? 2004 HOH D O     1 
HETATM 667 O O     . HOH I 4 . ? -12.933 -3.724  -4.888  1.00 17.46 ? 2005 HOH D O     1 
HETATM 668 O O     . HOH I 4 . ? -7.446  -7.252  -8.417  1.00 14.54 ? 2006 HOH D O     1 
HETATM 669 O O     . HOH I 4 . ? -9.037  -9.118  -1.196  1.00 27.55 ? 2007 HOH D O     1 
HETATM 670 O O     . HOH I 4 . ? -12.245 -7.925  0.883   1.00 37.51 ? 2008 HOH D O     1 
HETATM 671 O O     . HOH I 4 . ? -0.876  -4.010  -6.327  1.00 30.91 ? 2009 HOH D O     1 
HETATM 672 O O     . HOH I 4 . ? -8.722  -8.298  1.961   1.00 38.67 ? 2010 HOH D O     1 
HETATM 673 O O     . HOH I 4 . ? -2.526  -1.733  -2.020  1.00 31.16 ? 2011 HOH D O     1 
HETATM 674 O O     . HOH I 4 . ? 1.304   -10.116 -6.289  1.00 60.14 ? 2012 HOH D O     1 
HETATM 675 O O     . HOH I 4 . ? -1.208  -8.970  -7.095  1.00 33.15 ? 2013 HOH D O     1 
HETATM 676 O O     . HOH I 4 . ? -4.342  -8.590  -0.524  1.00 46.94 ? 2014 HOH D O     1 
HETATM 677 O O     . HOH I 4 . ? -0.354  -8.742  -0.030  1.00 26.56 ? 2015 HOH D O     1 
HETATM 678 O O     . HOH I 4 . ? 4.991   -6.586  -3.057  1.00 18.53 ? 2016 HOH D O     1 
HETATM 679 O O     . HOH I 4 . ? 3.198   -10.658 0.648   1.00 42.14 ? 2017 HOH D O     1 
HETATM 680 O O     . HOH I 4 . ? 3.705   -5.766  9.680   1.00 66.18 ? 2018 HOH D O     1 
# 
loop_
_pdbx_poly_seq_scheme.asym_id 
_pdbx_poly_seq_scheme.entity_id 
_pdbx_poly_seq_scheme.seq_id 
_pdbx_poly_seq_scheme.mon_id 
_pdbx_poly_seq_scheme.ndb_seq_num 
_pdbx_poly_seq_scheme.pdb_seq_num 
_pdbx_poly_seq_scheme.auth_seq_num 
_pdbx_poly_seq_scheme.pdb_mon_id 
_pdbx_poly_seq_scheme.auth_mon_id 
_pdbx_poly_seq_scheme.pdb_strand_id 
_pdbx_poly_seq_scheme.pdb_ins_code 
_pdbx_poly_seq_scheme.hetero 
A 1 1 G 1 901 901 G G A . n 
A 1 2 C 2 902 902 C C A . n 
A 1 3 A 3 903 903 A A A . n 
A 1 4 U 4 904 904 U U A . n 
A 1 5 C 5 905 905 C C A . n 
A 1 6 C 6 906 906 C C A . n 
A 1 7 G 7 907 907 G G A . n 
B 2 1 C 1 966 966 C C B . n 
B 2 2 G 2 967 967 G G B . n 
B 2 3 G 3 968 968 G G B . n 
B 2 4 A 4 969 969 A A B . n 
B 2 5 U 5 970 970 U U B . n 
B 2 6 G 6 971 971 G G B . n 
B 2 7 C 7 972 972 C C B . n 
C 1 1 G 1 901 901 G G C . n 
C 1 2 C 2 902 902 C C C . n 
C 1 3 A 3 903 903 A A C . n 
C 1 4 U 4 904 904 U U C . n 
C 1 5 C 5 905 905 C C C . n 
C 1 6 C 6 906 906 C C C . n 
C 1 7 G 7 907 907 G G C . n 
D 2 1 C 1 966 966 C C D . n 
D 2 2 G 2 967 967 G G D . n 
D 2 3 G 3 968 968 G G D . n 
D 2 4 A 4 969 969 A A D . n 
D 2 5 U 5 970 970 U U D . n 
D 2 6 G 6 971 971 G G D . n 
D 2 7 C 7 972 972 C C D . n 
# 
loop_
_pdbx_nonpoly_scheme.asym_id 
_pdbx_nonpoly_scheme.entity_id 
_pdbx_nonpoly_scheme.mon_id 
_pdbx_nonpoly_scheme.ndb_seq_num 
_pdbx_nonpoly_scheme.pdb_seq_num 
_pdbx_nonpoly_scheme.auth_seq_num 
_pdbx_nonpoly_scheme.pdb_mon_id 
_pdbx_nonpoly_scheme.auth_mon_id 
_pdbx_nonpoly_scheme.pdb_strand_id 
_pdbx_nonpoly_scheme.pdb_ins_code 
E 3 GOL 1  1973 1973 GOL GOL B . 
F 4 HOH 1  2001 2001 HOH HOH A . 
F 4 HOH 2  2002 2002 HOH HOH A . 
F 4 HOH 3  2003 2003 HOH HOH A . 
F 4 HOH 4  2004 2004 HOH HOH A . 
F 4 HOH 5  2005 2005 HOH HOH A . 
F 4 HOH 6  2006 2006 HOH HOH A . 
F 4 HOH 7  2007 2007 HOH HOH A . 
F 4 HOH 8  2008 2008 HOH HOH A . 
F 4 HOH 9  2009 2009 HOH HOH A . 
F 4 HOH 10 2010 2010 HOH HOH A . 
F 4 HOH 11 2011 2011 HOH HOH A . 
F 4 HOH 12 2012 2012 HOH HOH A . 
F 4 HOH 13 2013 2013 HOH HOH A . 
F 4 HOH 14 2014 2014 HOH HOH A . 
F 4 HOH 15 2015 2015 HOH HOH A . 
F 4 HOH 16 2016 2016 HOH HOH A . 
F 4 HOH 17 2017 2017 HOH HOH A . 
F 4 HOH 18 2018 2018 HOH HOH A . 
F 4 HOH 19 2019 2019 HOH HOH A . 
F 4 HOH 20 2020 2020 HOH HOH A . 
F 4 HOH 21 2021 2021 HOH HOH A . 
F 4 HOH 22 2022 2022 HOH HOH A . 
F 4 HOH 23 2023 2023 HOH HOH A . 
F 4 HOH 24 2024 2024 HOH HOH A . 
G 4 HOH 1  2001 2001 HOH HOH B . 
G 4 HOH 2  2002 2002 HOH HOH B . 
G 4 HOH 3  2003 2003 HOH HOH B . 
G 4 HOH 4  2004 2004 HOH HOH B . 
G 4 HOH 5  2005 2005 HOH HOH B . 
G 4 HOH 6  2006 2006 HOH HOH B . 
G 4 HOH 7  2007 2007 HOH HOH B . 
G 4 HOH 8  2008 2008 HOH HOH B . 
G 4 HOH 9  2009 2009 HOH HOH B . 
G 4 HOH 10 2010 2010 HOH HOH B . 
G 4 HOH 11 2011 2011 HOH HOH B . 
G 4 HOH 12 2012 2012 HOH HOH B . 
G 4 HOH 13 2013 2013 HOH HOH B . 
G 4 HOH 14 2014 2014 HOH HOH B . 
G 4 HOH 15 2015 2015 HOH HOH B . 
G 4 HOH 16 2016 2016 HOH HOH B . 
G 4 HOH 17 2017 2017 HOH HOH B . 
G 4 HOH 18 2018 2018 HOH HOH B . 
G 4 HOH 19 2019 2019 HOH HOH B . 
G 4 HOH 20 2020 2020 HOH HOH B . 
G 4 HOH 21 2021 2021 HOH HOH B . 
G 4 HOH 22 2022 2022 HOH HOH B . 
G 4 HOH 23 2023 2023 HOH HOH B . 
H 4 HOH 1  2001 2001 HOH HOH C . 
H 4 HOH 2  2002 2002 HOH HOH C . 
H 4 HOH 3  2003 2003 HOH HOH C . 
H 4 HOH 4  2004 2004 HOH HOH C . 
H 4 HOH 5  2005 2005 HOH HOH C . 
H 4 HOH 6  2006 2006 HOH HOH C . 
H 4 HOH 7  2007 2007 HOH HOH C . 
H 4 HOH 8  2008 2008 HOH HOH C . 
H 4 HOH 9  2009 2009 HOH HOH C . 
H 4 HOH 10 2010 2010 HOH HOH C . 
H 4 HOH 11 2011 2011 HOH HOH C . 
H 4 HOH 12 2012 2012 HOH HOH C . 
H 4 HOH 13 2013 2013 HOH HOH C . 
H 4 HOH 14 2014 2014 HOH HOH C . 
H 4 HOH 15 2015 2015 HOH HOH C . 
H 4 HOH 16 2016 2016 HOH HOH C . 
H 4 HOH 17 2017 2017 HOH HOH C . 
H 4 HOH 18 2018 2018 HOH HOH C . 
H 4 HOH 19 2019 2019 HOH HOH C . 
H 4 HOH 20 2020 2020 HOH HOH C . 
H 4 HOH 21 2021 2021 HOH HOH C . 
H 4 HOH 22 2022 2022 HOH HOH C . 
H 4 HOH 23 2023 2023 HOH HOH C . 
I 4 HOH 1  2001 2001 HOH HOH D . 
I 4 HOH 2  2002 2002 HOH HOH D . 
I 4 HOH 3  2003 2003 HOH HOH D . 
I 4 HOH 4  2004 2004 HOH HOH D . 
I 4 HOH 5  2005 2005 HOH HOH D . 
I 4 HOH 6  2006 2006 HOH HOH D . 
I 4 HOH 7  2007 2007 HOH HOH D . 
I 4 HOH 8  2008 2008 HOH HOH D . 
I 4 HOH 9  2009 2009 HOH HOH D . 
I 4 HOH 10 2010 2010 HOH HOH D . 
I 4 HOH 11 2011 2011 HOH HOH D . 
I 4 HOH 12 2012 2012 HOH HOH D . 
I 4 HOH 13 2013 2013 HOH HOH D . 
I 4 HOH 14 2014 2014 HOH HOH D . 
I 4 HOH 15 2015 2015 HOH HOH D . 
I 4 HOH 16 2016 2016 HOH HOH D . 
I 4 HOH 17 2017 2017 HOH HOH D . 
I 4 HOH 18 2018 2018 HOH HOH D . 
# 
loop_
_pdbx_struct_assembly.id 
_pdbx_struct_assembly.details 
_pdbx_struct_assembly.method_details 
_pdbx_struct_assembly.oligomeric_details 
_pdbx_struct_assembly.oligomeric_count 
1 software_defined_assembly PISA dimeric 2 
2 software_defined_assembly PISA dimeric 2 
# 
loop_
_pdbx_struct_assembly_gen.assembly_id 
_pdbx_struct_assembly_gen.oper_expression 
_pdbx_struct_assembly_gen.asym_id_list 
1 1 A,B,E,F,G 
2 1 C,D,H,I   
# 
loop_
_pdbx_struct_assembly_prop.biol_id 
_pdbx_struct_assembly_prop.type 
_pdbx_struct_assembly_prop.value 
_pdbx_struct_assembly_prop.details 
1 'ABSA (A^2)' 700  ? 
1 MORE         -3.3 ? 
1 'SSA (A^2)'  2750 ? 
2 'ABSA (A^2)' 870  ? 
2 MORE         -3.0 ? 
2 'SSA (A^2)'  2770 ? 
# 
_pdbx_struct_oper_list.id                   1 
_pdbx_struct_oper_list.type                 'identity operation' 
_pdbx_struct_oper_list.name                 1_555 
_pdbx_struct_oper_list.symmetry_operation   x,y,z 
_pdbx_struct_oper_list.matrix[1][1]         1.0000000000 
_pdbx_struct_oper_list.matrix[1][2]         0.0000000000 
_pdbx_struct_oper_list.matrix[1][3]         0.0000000000 
_pdbx_struct_oper_list.vector[1]            0.0000000000 
_pdbx_struct_oper_list.matrix[2][1]         0.0000000000 
_pdbx_struct_oper_list.matrix[2][2]         1.0000000000 
_pdbx_struct_oper_list.matrix[2][3]         0.0000000000 
_pdbx_struct_oper_list.vector[2]            0.0000000000 
_pdbx_struct_oper_list.matrix[3][1]         0.0000000000 
_pdbx_struct_oper_list.matrix[3][2]         0.0000000000 
_pdbx_struct_oper_list.matrix[3][3]         1.0000000000 
_pdbx_struct_oper_list.vector[3]            0.0000000000 
# 
loop_
_pdbx_audit_revision_history.ordinal 
_pdbx_audit_revision_history.data_content_type 
_pdbx_audit_revision_history.major_revision 
_pdbx_audit_revision_history.minor_revision 
_pdbx_audit_revision_history.revision_date 
1 'Structure model' 1 0 2009-11-17 
2 'Structure model' 1 1 2015-01-28 
3 'Structure model' 1 2 2019-05-08 
4 'Structure model' 1 3 2023-12-13 
# 
_pdbx_audit_revision_details.ordinal             1 
_pdbx_audit_revision_details.revision_ordinal    1 
_pdbx_audit_revision_details.data_content_type   'Structure model' 
_pdbx_audit_revision_details.provider            repository 
_pdbx_audit_revision_details.type                'Initial release' 
_pdbx_audit_revision_details.description         ? 
_pdbx_audit_revision_details.details             ? 
# 
loop_
_pdbx_audit_revision_group.ordinal 
_pdbx_audit_revision_group.revision_ordinal 
_pdbx_audit_revision_group.data_content_type 
_pdbx_audit_revision_group.group 
1  2 'Structure model' 'Derived calculations'      
2  2 'Structure model' 'Non-polymer description'   
3  2 'Structure model' 'Refinement description'    
4  2 'Structure model' 'Version format compliance' 
5  3 'Structure model' 'Data collection'           
6  3 'Structure model' 'Experimental preparation'  
7  3 'Structure model' Other                       
8  4 'Structure model' 'Data collection'           
9  4 'Structure model' 'Database references'       
10 4 'Structure model' 'Derived calculations'      
11 4 'Structure model' Other                       
12 4 'Structure model' 'Refinement description'    
# 
loop_
_pdbx_audit_revision_category.ordinal 
_pdbx_audit_revision_category.revision_ordinal 
_pdbx_audit_revision_category.data_content_type 
_pdbx_audit_revision_category.category 
1 3 'Structure model' exptl_crystal_grow            
2 3 'Structure model' pdbx_database_proc            
3 3 'Structure model' pdbx_database_status          
4 4 'Structure model' chem_comp_atom                
5 4 'Structure model' chem_comp_bond                
6 4 'Structure model' database_2                    
7 4 'Structure model' pdbx_database_status          
8 4 'Structure model' pdbx_initial_refinement_model 
9 4 'Structure model' struct_site                   
# 
loop_
_pdbx_audit_revision_item.ordinal 
_pdbx_audit_revision_item.revision_ordinal 
_pdbx_audit_revision_item.data_content_type 
_pdbx_audit_revision_item.item 
1 3 'Structure model' '_exptl_crystal_grow.temp'                    
2 3 'Structure model' '_pdbx_database_status.recvd_author_approval' 
3 4 'Structure model' '_database_2.pdbx_DOI'                        
4 4 'Structure model' '_database_2.pdbx_database_accession'         
5 4 'Structure model' '_pdbx_database_status.status_code_sf'        
6 4 'Structure model' '_struct_site.pdbx_auth_asym_id'              
7 4 'Structure model' '_struct_site.pdbx_auth_comp_id'              
8 4 'Structure model' '_struct_site.pdbx_auth_seq_id'               
# 
loop_
_software.name 
_software.classification 
_software.version 
_software.citation_id 
_software.pdbx_ordinal 
REFMAC    refinement       5.2.0019 ? 1 
DENZO     'data reduction' .        ? 2 
SCALEPACK 'data scaling'   .        ? 3 
PHASER    phasing          .        ? 4 
# 
loop_
_pdbx_validate_rmsd_bond.id 
_pdbx_validate_rmsd_bond.PDB_model_num 
_pdbx_validate_rmsd_bond.auth_atom_id_1 
_pdbx_validate_rmsd_bond.auth_asym_id_1 
_pdbx_validate_rmsd_bond.auth_comp_id_1 
_pdbx_validate_rmsd_bond.auth_seq_id_1 
_pdbx_validate_rmsd_bond.PDB_ins_code_1 
_pdbx_validate_rmsd_bond.label_alt_id_1 
_pdbx_validate_rmsd_bond.auth_atom_id_2 
_pdbx_validate_rmsd_bond.auth_asym_id_2 
_pdbx_validate_rmsd_bond.auth_comp_id_2 
_pdbx_validate_rmsd_bond.auth_seq_id_2 
_pdbx_validate_rmsd_bond.PDB_ins_code_2 
_pdbx_validate_rmsd_bond.label_alt_id_2 
_pdbx_validate_rmsd_bond.bond_value 
_pdbx_validate_rmsd_bond.bond_target_value 
_pdbx_validate_rmsd_bond.bond_deviation 
_pdbx_validate_rmsd_bond.bond_standard_deviation 
_pdbx_validate_rmsd_bond.linker_flag 
1  1 C2 A G 901 ? ? N3 A G 901 ? ? 1.392 1.323 0.069  0.008 N 
2  1 N1 A G 907 ? ? C2 A G 907 ? ? 1.428 1.373 0.055  0.008 N 
3  1 C2 A G 907 ? ? N3 A G 907 ? ? 1.385 1.323 0.062  0.008 N 
4  1 C6 A G 907 ? ? N1 A G 907 ? ? 1.440 1.391 0.049  0.007 N 
5  1 C6 B G 967 ? ? N1 B G 967 ? ? 1.435 1.391 0.044  0.007 N 
6  1 C5 B A 969 ? ? C6 B A 969 ? ? 1.339 1.406 -0.067 0.009 N 
7  1 C6 B G 971 ? ? N1 B G 971 ? ? 1.435 1.391 0.044  0.007 N 
8  1 N3 B C 972 ? ? C4 B C 972 ? ? 1.288 1.335 -0.047 0.007 N 
9  1 C2 C G 907 ? ? N3 C G 907 ? ? 1.373 1.323 0.050  0.008 N 
10 1 C6 D G 967 ? ? N1 D G 967 ? ? 1.434 1.391 0.043  0.007 N 
11 1 C6 D A 969 ? ? N1 D A 969 ? ? 1.405 1.351 0.054  0.007 N 
12 1 C6 D G 971 ? ? N1 D G 971 ? ? 1.441 1.391 0.050  0.007 N 
# 
loop_
_pdbx_validate_rmsd_angle.id 
_pdbx_validate_rmsd_angle.PDB_model_num 
_pdbx_validate_rmsd_angle.auth_atom_id_1 
_pdbx_validate_rmsd_angle.auth_asym_id_1 
_pdbx_validate_rmsd_angle.auth_comp_id_1 
_pdbx_validate_rmsd_angle.auth_seq_id_1 
_pdbx_validate_rmsd_angle.PDB_ins_code_1 
_pdbx_validate_rmsd_angle.label_alt_id_1 
_pdbx_validate_rmsd_angle.auth_atom_id_2 
_pdbx_validate_rmsd_angle.auth_asym_id_2 
_pdbx_validate_rmsd_angle.auth_comp_id_2 
_pdbx_validate_rmsd_angle.auth_seq_id_2 
_pdbx_validate_rmsd_angle.PDB_ins_code_2 
_pdbx_validate_rmsd_angle.label_alt_id_2 
_pdbx_validate_rmsd_angle.auth_atom_id_3 
_pdbx_validate_rmsd_angle.auth_asym_id_3 
_pdbx_validate_rmsd_angle.auth_comp_id_3 
_pdbx_validate_rmsd_angle.auth_seq_id_3 
_pdbx_validate_rmsd_angle.PDB_ins_code_3 
_pdbx_validate_rmsd_angle.label_alt_id_3 
_pdbx_validate_rmsd_angle.angle_value 
_pdbx_validate_rmsd_angle.angle_target_value 
_pdbx_validate_rmsd_angle.angle_deviation 
_pdbx_validate_rmsd_angle.angle_standard_deviation 
_pdbx_validate_rmsd_angle.linker_flag 
1  1 C5    A G 901 ? ? C6    A G 901 ? ? N1    A G 901 ? ? 114.50 111.50 3.00  0.50 N 
2  1 N1    A G 901 ? ? C6    A G 901 ? ? O6    A G 901 ? ? 115.89 119.90 -4.01 0.60 N 
3  1 "O4'" A U 904 ? ? "C1'" A U 904 ? ? N1    A U 904 ? ? 114.76 108.50 6.26  0.70 N 
4  1 "O4'" A C 905 ? ? "C1'" A C 905 ? ? N1    A C 905 ? ? 102.29 108.20 -5.91 0.80 N 
5  1 N1    A C 905 ? ? C2    A C 905 ? ? N3    A C 905 ? ? 114.89 119.20 -4.31 0.70 N 
6  1 C2    A C 905 ? ? N3    A C 905 ? ? C4    A C 905 ? ? 123.49 119.90 3.59  0.50 N 
7  1 C4    A C 905 ? ? C5    A C 905 ? ? C6    A C 905 ? ? 113.22 117.40 -4.18 0.50 N 
8  1 C5    A C 905 ? ? C6    A C 905 ? ? N1    A C 905 ? ? 124.52 121.00 3.52  0.50 N 
9  1 N1    A C 905 ? ? C2    A C 905 ? ? O2    A C 905 ? ? 122.79 118.90 3.89  0.60 N 
10 1 N1    A C 906 ? ? C2    A C 906 ? ? O2    A C 906 ? ? 124.23 118.90 5.33  0.60 N 
11 1 N3    A C 906 ? ? C2    A C 906 ? ? O2    A C 906 ? ? 117.50 121.90 -4.40 0.70 N 
12 1 N3    A C 906 ? ? C4    A C 906 ? ? N4    A C 906 ? ? 112.03 118.00 -5.97 0.70 N 
13 1 C5    A C 906 ? ? C4    A C 906 ? ? N4    A C 906 ? ? 125.42 120.20 5.22  0.70 N 
14 1 C6    A G 907 ? ? N1    A G 907 ? ? C2    A G 907 ? ? 121.08 125.10 -4.02 0.60 N 
15 1 C5    A G 907 ? ? C6    A G 907 ? ? N1    A G 907 ? ? 115.31 111.50 3.81  0.50 N 
16 1 N1    A G 907 ? ? C6    A G 907 ? ? O6    A G 907 ? ? 123.97 119.90 4.07  0.60 N 
17 1 C5    A G 907 ? ? C6    A G 907 ? ? O6    A G 907 ? ? 120.71 128.60 -7.89 0.60 N 
18 1 "O4'" B C 966 ? ? "C1'" B C 966 ? ? N1    B C 966 ? ? 113.94 108.50 5.44  0.70 N 
19 1 "C3'" B G 967 ? ? "C2'" B G 967 ? ? "C1'" B G 967 ? ? 97.06  101.30 -4.24 0.70 N 
20 1 C4    B G 967 ? ? C5    B G 967 ? ? N7    B G 967 ? ? 113.73 110.80 2.93  0.40 N 
21 1 N1    B G 967 ? ? C6    B G 967 ? ? O6    B G 967 ? ? 125.41 119.90 5.51  0.60 N 
22 1 C5    B G 967 ? ? C6    B G 967 ? ? O6    B G 967 ? ? 121.12 128.60 -7.48 0.60 N 
23 1 C4    B A 969 ? ? C5    B A 969 ? ? N7    B A 969 ? ? 115.25 110.70 4.55  0.50 N 
24 1 C5    B A 969 ? ? N7    B A 969 ? ? C8    B A 969 ? ? 100.09 103.90 -3.81 0.50 N 
25 1 N9    B A 969 ? ? C4    B A 969 ? ? C5    B A 969 ? ? 102.84 105.80 -2.96 0.40 N 
26 1 C6    B A 969 ? ? C5    B A 969 ? ? N7    B A 969 ? ? 127.34 132.30 -4.96 0.70 N 
27 1 N1    B A 969 ? ? C6    B A 969 ? ? N6    B A 969 ? ? 126.77 118.60 8.17  0.60 N 
28 1 C5    B A 969 ? ? C6    B A 969 ? ? N6    B A 969 ? ? 114.75 123.70 -8.95 0.80 N 
29 1 "C1'" B U 970 ? ? "O4'" B U 970 ? ? "C4'" B U 970 ? ? 104.14 109.70 -5.56 0.70 N 
30 1 "O4'" B G 971 ? ? "C1'" B G 971 ? ? N9    B G 971 ? ? 113.62 108.50 5.12  0.70 N 
31 1 "O4'" B C 972 ? ? "C1'" B C 972 ? ? N1    B C 972 ? ? 113.14 108.50 4.64  0.70 N 
32 1 N1    B C 972 ? ? C2    B C 972 ? ? O2    B C 972 ? ? 123.35 118.90 4.45  0.60 N 
33 1 N3    B C 972 ? ? C2    B C 972 ? ? O2    B C 972 ? ? 117.03 121.90 -4.87 0.70 N 
34 1 N3    B C 972 ? ? C4    B C 972 ? ? N4    B C 972 ? ? 108.61 118.00 -9.39 0.70 N 
35 1 C5    B C 972 ? ? C4    B C 972 ? ? N4    B C 972 ? ? 128.40 120.20 8.20  0.70 N 
36 1 C4    C G 901 ? ? C5    C G 901 ? ? N7    C G 901 ? ? 108.30 110.80 -2.50 0.40 N 
37 1 "O4'" C C 902 ? ? "C1'" C C 902 ? ? N1    C C 902 ? ? 116.40 108.50 7.90  0.70 N 
38 1 N1    C C 902 ? ? C2    C C 902 ? ? O2    C C 902 ? ? 122.83 118.90 3.93  0.60 N 
39 1 N3    C C 902 ? ? C2    C C 902 ? ? O2    C C 902 ? ? 117.41 121.90 -4.49 0.70 N 
40 1 N3    C C 902 ? ? C4    C C 902 ? ? N4    C C 902 ? ? 113.14 118.00 -4.86 0.70 N 
41 1 C5    C C 902 ? ? C4    C C 902 ? ? N4    C C 902 ? ? 126.17 120.20 5.97  0.70 N 
42 1 N1    C A 903 ? ? C2    C A 903 ? ? N3    C A 903 ? ? 126.27 129.30 -3.03 0.50 N 
43 1 "O4'" C U 904 ? ? "C1'" C U 904 ? ? N1    C U 904 ? ? 114.76 108.50 6.26  0.70 N 
44 1 C6    C U 904 ? ? N1    C U 904 ? ? C2    C U 904 ? ? 117.17 121.00 -3.83 0.60 N 
45 1 N3    C U 904 ? ? C2    C U 904 ? ? O2    C U 904 ? ? 116.65 122.20 -5.55 0.70 N 
46 1 C5    C U 904 ? ? C4    C U 904 ? ? O4    C U 904 ? ? 130.89 125.90 4.99  0.60 N 
47 1 "O4'" C C 906 ? ? "C1'" C C 906 ? ? N1    C C 906 ? ? 114.57 108.50 6.07  0.70 N 
48 1 N3    C C 906 ? ? C4    C C 906 ? ? N4    C C 906 ? ? 112.57 118.00 -5.43 0.70 N 
49 1 C5    C C 906 ? ? C4    C C 906 ? ? N4    C C 906 ? ? 124.92 120.20 4.72  0.70 N 
50 1 C5    C G 907 ? ? C6    C G 907 ? ? N1    C G 907 ? ? 114.78 111.50 3.28  0.50 N 
51 1 C5    C G 907 ? ? C6    C G 907 ? ? O6    C G 907 ? ? 124.88 128.60 -3.72 0.60 N 
52 1 "O4'" D C 966 ? ? "C1'" D C 966 ? ? N1    D C 966 ? ? 112.73 108.50 4.23  0.70 N 
53 1 N1    D C 966 ? ? C2    D C 966 ? ? O2    D C 966 ? ? 123.45 118.90 4.55  0.60 N 
54 1 N3    D C 966 ? ? C2    D C 966 ? ? O2    D C 966 ? ? 117.55 121.90 -4.35 0.70 N 
55 1 "O4'" D G 967 ? ? "C1'" D G 967 ? ? N9    D G 967 ? ? 114.58 108.50 6.08  0.70 N 
56 1 C5    D G 967 ? ? C6    D G 967 ? ? O6    D G 967 ? ? 124.48 128.60 -4.12 0.60 N 
57 1 C2    D A 969 ? ? N3    D A 969 ? ? C4    D A 969 ? ? 107.36 110.60 -3.24 0.50 N 
58 1 N1    D A 969 ? ? C6    D A 969 ? ? N6    D A 969 ? ? 125.71 118.60 7.11  0.60 N 
59 1 C5    D A 969 ? ? C6    D A 969 ? ? N6    D A 969 ? ? 116.74 123.70 -6.96 0.80 N 
60 1 C4    D G 971 ? ? C5    D G 971 ? ? N7    D G 971 ? ? 113.55 110.80 2.75  0.40 N 
61 1 C5    D G 971 ? ? N7    D G 971 ? ? C8    D G 971 ? ? 100.85 104.30 -3.45 0.50 N 
62 1 N1    D G 971 ? ? C6    D G 971 ? ? O6    D G 971 ? ? 124.52 119.90 4.62  0.60 N 
63 1 C5    D G 971 ? ? C6    D G 971 ? ? O6    D G 971 ? ? 122.26 128.60 -6.34 0.60 N 
64 1 "O4'" D C 972 ? ? "C1'" D C 972 ? ? N1    D C 972 ? ? 116.74 108.50 8.24  0.70 N 
65 1 N3    D C 972 ? ? C2    D C 972 ? ? O2    D C 972 ? ? 117.32 121.90 -4.58 0.70 N 
66 1 N3    D C 972 ? ? C4    D C 972 ? ? N4    D C 972 ? ? 111.72 118.00 -6.28 0.70 N 
67 1 C5    D C 972 ? ? C4    D C 972 ? ? N4    D C 972 ? ? 124.78 120.20 4.58  0.70 N 
# 
loop_
_chem_comp_atom.comp_id 
_chem_comp_atom.atom_id 
_chem_comp_atom.type_symbol 
_chem_comp_atom.pdbx_aromatic_flag 
_chem_comp_atom.pdbx_stereo_config 
_chem_comp_atom.pdbx_ordinal 
A   OP3    O N N 1   
A   P      P N N 2   
A   OP1    O N N 3   
A   OP2    O N N 4   
A   "O5'"  O N N 5   
A   "C5'"  C N N 6   
A   "C4'"  C N R 7   
A   "O4'"  O N N 8   
A   "C3'"  C N S 9   
A   "O3'"  O N N 10  
A   "C2'"  C N R 11  
A   "O2'"  O N N 12  
A   "C1'"  C N R 13  
A   N9     N Y N 14  
A   C8     C Y N 15  
A   N7     N Y N 16  
A   C5     C Y N 17  
A   C6     C Y N 18  
A   N6     N N N 19  
A   N1     N Y N 20  
A   C2     C Y N 21  
A   N3     N Y N 22  
A   C4     C Y N 23  
A   HOP3   H N N 24  
A   HOP2   H N N 25  
A   "H5'"  H N N 26  
A   "H5''" H N N 27  
A   "H4'"  H N N 28  
A   "H3'"  H N N 29  
A   "HO3'" H N N 30  
A   "H2'"  H N N 31  
A   "HO2'" H N N 32  
A   "H1'"  H N N 33  
A   H8     H N N 34  
A   H61    H N N 35  
A   H62    H N N 36  
A   H2     H N N 37  
C   OP3    O N N 38  
C   P      P N N 39  
C   OP1    O N N 40  
C   OP2    O N N 41  
C   "O5'"  O N N 42  
C   "C5'"  C N N 43  
C   "C4'"  C N R 44  
C   "O4'"  O N N 45  
C   "C3'"  C N S 46  
C   "O3'"  O N N 47  
C   "C2'"  C N R 48  
C   "O2'"  O N N 49  
C   "C1'"  C N R 50  
C   N1     N N N 51  
C   C2     C N N 52  
C   O2     O N N 53  
C   N3     N N N 54  
C   C4     C N N 55  
C   N4     N N N 56  
C   C5     C N N 57  
C   C6     C N N 58  
C   HOP3   H N N 59  
C   HOP2   H N N 60  
C   "H5'"  H N N 61  
C   "H5''" H N N 62  
C   "H4'"  H N N 63  
C   "H3'"  H N N 64  
C   "HO3'" H N N 65  
C   "H2'"  H N N 66  
C   "HO2'" H N N 67  
C   "H1'"  H N N 68  
C   H41    H N N 69  
C   H42    H N N 70  
C   H5     H N N 71  
C   H6     H N N 72  
G   OP3    O N N 73  
G   P      P N N 74  
G   OP1    O N N 75  
G   OP2    O N N 76  
G   "O5'"  O N N 77  
G   "C5'"  C N N 78  
G   "C4'"  C N R 79  
G   "O4'"  O N N 80  
G   "C3'"  C N S 81  
G   "O3'"  O N N 82  
G   "C2'"  C N R 83  
G   "O2'"  O N N 84  
G   "C1'"  C N R 85  
G   N9     N Y N 86  
G   C8     C Y N 87  
G   N7     N Y N 88  
G   C5     C Y N 89  
G   C6     C N N 90  
G   O6     O N N 91  
G   N1     N N N 92  
G   C2     C N N 93  
G   N2     N N N 94  
G   N3     N N N 95  
G   C4     C Y N 96  
G   HOP3   H N N 97  
G   HOP2   H N N 98  
G   "H5'"  H N N 99  
G   "H5''" H N N 100 
G   "H4'"  H N N 101 
G   "H3'"  H N N 102 
G   "HO3'" H N N 103 
G   "H2'"  H N N 104 
G   "HO2'" H N N 105 
G   "H1'"  H N N 106 
G   H8     H N N 107 
G   H1     H N N 108 
G   H21    H N N 109 
G   H22    H N N 110 
GOL C1     C N N 111 
GOL O1     O N N 112 
GOL C2     C N N 113 
GOL O2     O N N 114 
GOL C3     C N N 115 
GOL O3     O N N 116 
GOL H11    H N N 117 
GOL H12    H N N 118 
GOL HO1    H N N 119 
GOL H2     H N N 120 
GOL HO2    H N N 121 
GOL H31    H N N 122 
GOL H32    H N N 123 
GOL HO3    H N N 124 
HOH O      O N N 125 
HOH H1     H N N 126 
HOH H2     H N N 127 
U   OP3    O N N 128 
U   P      P N N 129 
U   OP1    O N N 130 
U   OP2    O N N 131 
U   "O5'"  O N N 132 
U   "C5'"  C N N 133 
U   "C4'"  C N R 134 
U   "O4'"  O N N 135 
U   "C3'"  C N S 136 
U   "O3'"  O N N 137 
U   "C2'"  C N R 138 
U   "O2'"  O N N 139 
U   "C1'"  C N R 140 
U   N1     N N N 141 
U   C2     C N N 142 
U   O2     O N N 143 
U   N3     N N N 144 
U   C4     C N N 145 
U   O4     O N N 146 
U   C5     C N N 147 
U   C6     C N N 148 
U   HOP3   H N N 149 
U   HOP2   H N N 150 
U   "H5'"  H N N 151 
U   "H5''" H N N 152 
U   "H4'"  H N N 153 
U   "H3'"  H N N 154 
U   "HO3'" H N N 155 
U   "H2'"  H N N 156 
U   "HO2'" H N N 157 
U   "H1'"  H N N 158 
U   H3     H N N 159 
U   H5     H N N 160 
U   H6     H N N 161 
# 
loop_
_chem_comp_bond.comp_id 
_chem_comp_bond.atom_id_1 
_chem_comp_bond.atom_id_2 
_chem_comp_bond.value_order 
_chem_comp_bond.pdbx_aromatic_flag 
_chem_comp_bond.pdbx_stereo_config 
_chem_comp_bond.pdbx_ordinal 
A   OP3   P      sing N N 1   
A   OP3   HOP3   sing N N 2   
A   P     OP1    doub N N 3   
A   P     OP2    sing N N 4   
A   P     "O5'"  sing N N 5   
A   OP2   HOP2   sing N N 6   
A   "O5'" "C5'"  sing N N 7   
A   "C5'" "C4'"  sing N N 8   
A   "C5'" "H5'"  sing N N 9   
A   "C5'" "H5''" sing N N 10  
A   "C4'" "O4'"  sing N N 11  
A   "C4'" "C3'"  sing N N 12  
A   "C4'" "H4'"  sing N N 13  
A   "O4'" "C1'"  sing N N 14  
A   "C3'" "O3'"  sing N N 15  
A   "C3'" "C2'"  sing N N 16  
A   "C3'" "H3'"  sing N N 17  
A   "O3'" "HO3'" sing N N 18  
A   "C2'" "O2'"  sing N N 19  
A   "C2'" "C1'"  sing N N 20  
A   "C2'" "H2'"  sing N N 21  
A   "O2'" "HO2'" sing N N 22  
A   "C1'" N9     sing N N 23  
A   "C1'" "H1'"  sing N N 24  
A   N9    C8     sing Y N 25  
A   N9    C4     sing Y N 26  
A   C8    N7     doub Y N 27  
A   C8    H8     sing N N 28  
A   N7    C5     sing Y N 29  
A   C5    C6     sing Y N 30  
A   C5    C4     doub Y N 31  
A   C6    N6     sing N N 32  
A   C6    N1     doub Y N 33  
A   N6    H61    sing N N 34  
A   N6    H62    sing N N 35  
A   N1    C2     sing Y N 36  
A   C2    N3     doub Y N 37  
A   C2    H2     sing N N 38  
A   N3    C4     sing Y N 39  
C   OP3   P      sing N N 40  
C   OP3   HOP3   sing N N 41  
C   P     OP1    doub N N 42  
C   P     OP2    sing N N 43  
C   P     "O5'"  sing N N 44  
C   OP2   HOP2   sing N N 45  
C   "O5'" "C5'"  sing N N 46  
C   "C5'" "C4'"  sing N N 47  
C   "C5'" "H5'"  sing N N 48  
C   "C5'" "H5''" sing N N 49  
C   "C4'" "O4'"  sing N N 50  
C   "C4'" "C3'"  sing N N 51  
C   "C4'" "H4'"  sing N N 52  
C   "O4'" "C1'"  sing N N 53  
C   "C3'" "O3'"  sing N N 54  
C   "C3'" "C2'"  sing N N 55  
C   "C3'" "H3'"  sing N N 56  
C   "O3'" "HO3'" sing N N 57  
C   "C2'" "O2'"  sing N N 58  
C   "C2'" "C1'"  sing N N 59  
C   "C2'" "H2'"  sing N N 60  
C   "O2'" "HO2'" sing N N 61  
C   "C1'" N1     sing N N 62  
C   "C1'" "H1'"  sing N N 63  
C   N1    C2     sing N N 64  
C   N1    C6     sing N N 65  
C   C2    O2     doub N N 66  
C   C2    N3     sing N N 67  
C   N3    C4     doub N N 68  
C   C4    N4     sing N N 69  
C   C4    C5     sing N N 70  
C   N4    H41    sing N N 71  
C   N4    H42    sing N N 72  
C   C5    C6     doub N N 73  
C   C5    H5     sing N N 74  
C   C6    H6     sing N N 75  
G   OP3   P      sing N N 76  
G   OP3   HOP3   sing N N 77  
G   P     OP1    doub N N 78  
G   P     OP2    sing N N 79  
G   P     "O5'"  sing N N 80  
G   OP2   HOP2   sing N N 81  
G   "O5'" "C5'"  sing N N 82  
G   "C5'" "C4'"  sing N N 83  
G   "C5'" "H5'"  sing N N 84  
G   "C5'" "H5''" sing N N 85  
G   "C4'" "O4'"  sing N N 86  
G   "C4'" "C3'"  sing N N 87  
G   "C4'" "H4'"  sing N N 88  
G   "O4'" "C1'"  sing N N 89  
G   "C3'" "O3'"  sing N N 90  
G   "C3'" "C2'"  sing N N 91  
G   "C3'" "H3'"  sing N N 92  
G   "O3'" "HO3'" sing N N 93  
G   "C2'" "O2'"  sing N N 94  
G   "C2'" "C1'"  sing N N 95  
G   "C2'" "H2'"  sing N N 96  
G   "O2'" "HO2'" sing N N 97  
G   "C1'" N9     sing N N 98  
G   "C1'" "H1'"  sing N N 99  
G   N9    C8     sing Y N 100 
G   N9    C4     sing Y N 101 
G   C8    N7     doub Y N 102 
G   C8    H8     sing N N 103 
G   N7    C5     sing Y N 104 
G   C5    C6     sing N N 105 
G   C5    C4     doub Y N 106 
G   C6    O6     doub N N 107 
G   C6    N1     sing N N 108 
G   N1    C2     sing N N 109 
G   N1    H1     sing N N 110 
G   C2    N2     sing N N 111 
G   C2    N3     doub N N 112 
G   N2    H21    sing N N 113 
G   N2    H22    sing N N 114 
G   N3    C4     sing N N 115 
GOL C1    O1     sing N N 116 
GOL C1    C2     sing N N 117 
GOL C1    H11    sing N N 118 
GOL C1    H12    sing N N 119 
GOL O1    HO1    sing N N 120 
GOL C2    O2     sing N N 121 
GOL C2    C3     sing N N 122 
GOL C2    H2     sing N N 123 
GOL O2    HO2    sing N N 124 
GOL C3    O3     sing N N 125 
GOL C3    H31    sing N N 126 
GOL C3    H32    sing N N 127 
GOL O3    HO3    sing N N 128 
HOH O     H1     sing N N 129 
HOH O     H2     sing N N 130 
U   OP3   P      sing N N 131 
U   OP3   HOP3   sing N N 132 
U   P     OP1    doub N N 133 
U   P     OP2    sing N N 134 
U   P     "O5'"  sing N N 135 
U   OP2   HOP2   sing N N 136 
U   "O5'" "C5'"  sing N N 137 
U   "C5'" "C4'"  sing N N 138 
U   "C5'" "H5'"  sing N N 139 
U   "C5'" "H5''" sing N N 140 
U   "C4'" "O4'"  sing N N 141 
U   "C4'" "C3'"  sing N N 142 
U   "C4'" "H4'"  sing N N 143 
U   "O4'" "C1'"  sing N N 144 
U   "C3'" "O3'"  sing N N 145 
U   "C3'" "C2'"  sing N N 146 
U   "C3'" "H3'"  sing N N 147 
U   "O3'" "HO3'" sing N N 148 
U   "C2'" "O2'"  sing N N 149 
U   "C2'" "C1'"  sing N N 150 
U   "C2'" "H2'"  sing N N 151 
U   "O2'" "HO2'" sing N N 152 
U   "C1'" N1     sing N N 153 
U   "C1'" "H1'"  sing N N 154 
U   N1    C2     sing N N 155 
U   N1    C6     sing N N 156 
U   C2    O2     doub N N 157 
U   C2    N3     sing N N 158 
U   N3    C4     sing N N 159 
U   N3    H3     sing N N 160 
U   C4    O4     doub N N 161 
U   C4    C5     sing N N 162 
U   C5    C6     doub N N 163 
U   C5    H5     sing N N 164 
U   C6    H6     sing N N 165 
# 
_ndb_struct_conf_na.entry_id   2W89 
_ndb_struct_conf_na.feature    'a-form double helix' 
# 
loop_
_ndb_struct_na_base_pair.model_number 
_ndb_struct_na_base_pair.i_label_asym_id 
_ndb_struct_na_base_pair.i_label_comp_id 
_ndb_struct_na_base_pair.i_label_seq_id 
_ndb_struct_na_base_pair.i_symmetry 
_ndb_struct_na_base_pair.j_label_asym_id 
_ndb_struct_na_base_pair.j_label_comp_id 
_ndb_struct_na_base_pair.j_label_seq_id 
_ndb_struct_na_base_pair.j_symmetry 
_ndb_struct_na_base_pair.shear 
_ndb_struct_na_base_pair.stretch 
_ndb_struct_na_base_pair.stagger 
_ndb_struct_na_base_pair.buckle 
_ndb_struct_na_base_pair.propeller 
_ndb_struct_na_base_pair.opening 
_ndb_struct_na_base_pair.pair_number 
_ndb_struct_na_base_pair.pair_name 
_ndb_struct_na_base_pair.i_auth_asym_id 
_ndb_struct_na_base_pair.i_auth_seq_id 
_ndb_struct_na_base_pair.i_PDB_ins_code 
_ndb_struct_na_base_pair.j_auth_asym_id 
_ndb_struct_na_base_pair.j_auth_seq_id 
_ndb_struct_na_base_pair.j_PDB_ins_code 
_ndb_struct_na_base_pair.hbond_type_28 
_ndb_struct_na_base_pair.hbond_type_12 
1 A G 1 1_555 B C 7 1_555 -0.309 -0.329 -0.113 -3.619 -6.418  -5.928 1  A_G901:C972_B A 901 ? B 972 ? 19 1 
1 A C 2 1_555 B G 6 1_555 0.070  -0.487 -0.007 5.595  -10.973 -1.795 2  A_C902:G971_B A 902 ? B 971 ? 19 1 
1 A A 3 1_555 B U 5 1_555 0.571  -0.302 -0.008 -7.355 -5.278  5.630  3  A_A903:U970_B A 903 ? B 970 ? 20 1 
1 A U 4 1_555 B A 4 1_555 -0.466 -0.221 0.068  -0.426 -15.717 4.887  4  A_U904:A969_B A 904 ? B 969 ? 20 1 
1 A C 5 1_555 B G 3 1_555 0.151  -0.301 -0.008 4.691  -5.582  4.406  5  A_C905:G968_B A 905 ? B 968 ? 19 1 
1 A C 6 1_555 B G 2 1_555 0.137  -0.138 0.066  -2.140 -10.007 3.885  6  A_C906:G967_B A 906 ? B 967 ? 19 1 
1 A G 7 1_555 B C 1 1_555 0.078  -0.468 -0.051 -1.109 -3.665  -2.884 7  A_G907:C966_B A 907 ? B 966 ? 19 1 
1 C G 1 1_555 D C 7 1_555 -0.436 -0.484 0.191  0.800  -3.643  -5.920 8  C_G901:C972_D C 901 ? D 972 ? 19 1 
1 C C 2 1_555 D G 6 1_555 -0.300 -0.204 -0.066 6.443  -8.850  -1.929 9  C_C902:G971_D C 902 ? D 971 ? 19 1 
1 C A 3 1_555 D U 5 1_555 -0.056 -0.152 -0.109 -3.865 -20.877 6.311  10 C_A903:U970_D C 903 ? D 970 ? 20 1 
1 C U 4 1_555 D A 4 1_555 -0.329 -0.258 -0.073 2.726  -14.917 -6.391 11 C_U904:A969_D C 904 ? D 969 ? 20 1 
1 C C 5 1_555 D G 3 1_555 0.037  -0.191 0.046  3.054  -19.431 4.969  12 C_C905:G968_D C 905 ? D 968 ? 19 1 
1 C C 6 1_555 D G 2 1_555 -0.173 -0.268 -0.150 2.001  -11.838 -2.122 13 C_C906:G967_D C 906 ? D 967 ? 19 1 
1 C G 7 1_555 D C 1 1_555 1.053  0.002  0.163  1.362  -6.357  7.267  14 C_G907:C966_D C 907 ? D 966 ? 19 1 
# 
loop_
_ndb_struct_na_base_pair_step.model_number 
_ndb_struct_na_base_pair_step.i_label_asym_id_1 
_ndb_struct_na_base_pair_step.i_label_comp_id_1 
_ndb_struct_na_base_pair_step.i_label_seq_id_1 
_ndb_struct_na_base_pair_step.i_symmetry_1 
_ndb_struct_na_base_pair_step.j_label_asym_id_1 
_ndb_struct_na_base_pair_step.j_label_comp_id_1 
_ndb_struct_na_base_pair_step.j_label_seq_id_1 
_ndb_struct_na_base_pair_step.j_symmetry_1 
_ndb_struct_na_base_pair_step.i_label_asym_id_2 
_ndb_struct_na_base_pair_step.i_label_comp_id_2 
_ndb_struct_na_base_pair_step.i_label_seq_id_2 
_ndb_struct_na_base_pair_step.i_symmetry_2 
_ndb_struct_na_base_pair_step.j_label_asym_id_2 
_ndb_struct_na_base_pair_step.j_label_comp_id_2 
_ndb_struct_na_base_pair_step.j_label_seq_id_2 
_ndb_struct_na_base_pair_step.j_symmetry_2 
_ndb_struct_na_base_pair_step.shift 
_ndb_struct_na_base_pair_step.slide 
_ndb_struct_na_base_pair_step.rise 
_ndb_struct_na_base_pair_step.tilt 
_ndb_struct_na_base_pair_step.roll 
_ndb_struct_na_base_pair_step.twist 
_ndb_struct_na_base_pair_step.x_displacement 
_ndb_struct_na_base_pair_step.y_displacement 
_ndb_struct_na_base_pair_step.helical_rise 
_ndb_struct_na_base_pair_step.inclination 
_ndb_struct_na_base_pair_step.tip 
_ndb_struct_na_base_pair_step.helical_twist 
_ndb_struct_na_base_pair_step.step_number 
_ndb_struct_na_base_pair_step.step_name 
_ndb_struct_na_base_pair_step.i_auth_asym_id_1 
_ndb_struct_na_base_pair_step.i_auth_seq_id_1 
_ndb_struct_na_base_pair_step.i_PDB_ins_code_1 
_ndb_struct_na_base_pair_step.j_auth_asym_id_1 
_ndb_struct_na_base_pair_step.j_auth_seq_id_1 
_ndb_struct_na_base_pair_step.j_PDB_ins_code_1 
_ndb_struct_na_base_pair_step.i_auth_asym_id_2 
_ndb_struct_na_base_pair_step.i_auth_seq_id_2 
_ndb_struct_na_base_pair_step.i_PDB_ins_code_2 
_ndb_struct_na_base_pair_step.j_auth_asym_id_2 
_ndb_struct_na_base_pair_step.j_auth_seq_id_2 
_ndb_struct_na_base_pair_step.j_PDB_ins_code_2 
1 A G 1 1_555 B C 7 1_555 A C 2 1_555 B G 6 1_555 0.251  -1.677 3.103 -0.278 2.195  32.236 -3.376 -0.497 2.983 3.948  0.499  
32.310 1  AA_G901C902:G971C972_BB A 901 ? B 972 ? A 902 ? B 971 ? 
1 A C 2 1_555 B G 6 1_555 A A 3 1_555 B U 5 1_555 -0.112 -1.451 3.435 -2.884 11.204 34.405 -3.883 -0.219 2.840 18.312 4.714  
36.243 2  AA_C902A903:U970G971_BB A 902 ? B 971 ? A 903 ? B 970 ? 
1 A A 3 1_555 B U 5 1_555 A U 4 1_555 B A 4 1_555 0.067  -1.567 3.187 1.022  3.401  24.062 -4.728 0.143  2.941 8.101  -2.434 
24.318 3  AA_A903U904:A969U970_BB A 903 ? B 970 ? A 904 ? B 969 ? 
1 A U 4 1_555 B A 4 1_555 A C 5 1_555 B G 3 1_555 0.044  -1.053 3.333 -0.896 1.783  35.371 -1.995 -0.206 3.276 2.932  1.473  
35.425 4  AA_U904C905:G968A969_BB A 904 ? B 969 ? A 905 ? B 968 ? 
1 A C 5 1_555 B G 3 1_555 A C 6 1_555 B G 2 1_555 0.311  -1.717 3.143 4.252  10.310 32.058 -4.420 0.074  2.507 18.002 -7.424 
33.894 5  AA_C905C906:G967G968_BB A 905 ? B 968 ? A 906 ? B 967 ? 
1 A C 6 1_555 B G 2 1_555 A G 7 1_555 B C 1 1_555 -0.253 -1.596 3.231 0.144  6.233  32.812 -3.754 0.464  2.886 10.911 -0.252 
33.383 6  AA_C906G907:C966G967_BB A 906 ? B 967 ? A 907 ? B 966 ? 
1 C G 1 1_555 D C 7 1_555 C C 2 1_555 D G 6 1_555 -0.161 -1.739 3.128 0.223  6.158  28.987 -4.574 0.358  2.707 12.130 -0.438 
29.621 7  CC_G901C902:G971C972_DD C 901 ? D 972 ? C 902 ? D 971 ? 
1 C C 2 1_555 D G 6 1_555 C A 3 1_555 D U 5 1_555 0.760  -1.305 3.532 2.807  8.578  35.705 -3.287 -0.805 3.193 13.721 -4.489 
36.792 8  CC_C902A903:U970G971_DD C 902 ? D 971 ? C 903 ? D 970 ? 
1 C A 3 1_555 D U 5 1_555 C U 4 1_555 D A 4 1_555 -0.883 -1.371 3.031 -1.838 6.272  27.899 -4.034 1.416  2.715 12.787 3.747  
28.639 9  CC_A903U904:A969U970_DD C 903 ? D 970 ? C 904 ? D 969 ? 
1 C U 4 1_555 D A 4 1_555 C C 5 1_555 D G 3 1_555 1.252  -1.033 3.217 1.843  5.346  36.205 -2.356 -1.747 3.096 8.538  -2.943 
36.629 10 CC_U904C905:G968A969_DD C 904 ? D 969 ? C 905 ? D 968 ? 
1 C C 5 1_555 D G 3 1_555 C C 6 1_555 D G 2 1_555 -0.707 -1.528 3.228 -0.812 9.109  29.407 -4.523 1.186  2.664 17.420 1.554  
30.766 11 CC_C905C906:G967G968_DD C 905 ? D 968 ? C 906 ? D 967 ? 
1 C C 6 1_555 D G 2 1_555 C G 7 1_555 D C 1 1_555 0.693  -1.135 3.301 -0.806 9.195  37.605 -2.807 -1.142 2.939 14.007 1.227  
38.681 12 CC_C906G907:C966G967_DD C 906 ? D 967 ? C 907 ? D 966 ? 
# 
loop_
_pdbx_entity_nonpoly.entity_id 
_pdbx_entity_nonpoly.name 
_pdbx_entity_nonpoly.comp_id 
3 GLYCEROL GOL 
4 water    HOH 
# 
_pdbx_initial_refinement_model.id               1 
_pdbx_initial_refinement_model.entity_id_list   ? 
_pdbx_initial_refinement_model.type             'experimental model' 
_pdbx_initial_refinement_model.source_name      PDB 
_pdbx_initial_refinement_model.accession_code   2VUQ 
_pdbx_initial_refinement_model.details          'PDB ENTRY 2VUQ' 
# 
